data_2JTM
#
_entry.id   2JTM
#
_entity_poly.entity_id   1
_entity_poly.type   'polypeptide(L)'
_entity_poly.pdbx_seq_one_letter_code
;MSSGKKPVKVKTPAGKEAELVPEKVWALAPKGRKGVKIGLFKDPETGKYFRHKLPDDYPI
;
_entity_poly.pdbx_strand_id   A
#
# COMPACT_ATOMS: atom_id res chain seq x y z
N MET A 1 -16.03 0.52 -8.80
CA MET A 1 -14.58 0.30 -8.97
C MET A 1 -14.35 -1.07 -9.55
N SER A 2 -13.16 -1.32 -10.05
CA SER A 2 -12.82 -2.57 -10.66
C SER A 2 -12.73 -3.66 -9.58
N SER A 3 -13.26 -4.82 -9.89
CA SER A 3 -13.29 -5.91 -8.96
C SER A 3 -11.96 -6.67 -9.00
N GLY A 4 -11.29 -6.72 -7.87
CA GLY A 4 -10.04 -7.40 -7.79
C GLY A 4 -9.09 -6.72 -6.87
N LYS A 5 -8.40 -5.74 -7.39
CA LYS A 5 -7.41 -5.02 -6.61
C LYS A 5 -7.74 -3.53 -6.61
N LYS A 6 -7.10 -2.80 -5.73
CA LYS A 6 -7.34 -1.38 -5.56
C LYS A 6 -6.00 -0.67 -5.39
N PRO A 7 -5.66 0.31 -6.26
CA PRO A 7 -4.40 1.05 -6.16
C PRO A 7 -4.47 2.35 -5.33
N VAL A 8 -3.33 2.76 -4.81
CA VAL A 8 -3.22 3.96 -4.01
C VAL A 8 -2.05 4.80 -4.54
N LYS A 9 -2.12 6.09 -4.35
CA LYS A 9 -1.07 6.99 -4.73
C LYS A 9 0.03 6.86 -3.69
N VAL A 10 1.14 6.31 -4.08
CA VAL A 10 2.20 6.00 -3.13
C VAL A 10 3.57 6.47 -3.65
N LYS A 11 4.40 6.92 -2.73
CA LYS A 11 5.75 7.32 -3.02
C LYS A 11 6.62 6.07 -3.08
N THR A 12 7.51 6.02 -4.02
CA THR A 12 8.35 4.88 -4.16
C THR A 12 9.64 5.15 -3.39
N PRO A 13 10.39 4.09 -3.01
CA PRO A 13 11.67 4.24 -2.31
C PRO A 13 12.74 4.88 -3.21
N ALA A 14 12.49 4.87 -4.50
CA ALA A 14 13.41 5.44 -5.47
C ALA A 14 13.17 6.94 -5.66
N GLY A 15 12.06 7.44 -5.13
CA GLY A 15 11.79 8.87 -5.19
C GLY A 15 10.74 9.23 -6.23
N LYS A 16 9.96 8.27 -6.61
CA LYS A 16 8.90 8.48 -7.56
C LYS A 16 7.60 8.51 -6.85
N GLU A 17 6.59 8.93 -7.54
CA GLU A 17 5.24 8.98 -7.02
C GLU A 17 4.31 8.46 -8.07
N ALA A 18 3.70 7.36 -7.79
CA ALA A 18 2.83 6.71 -8.74
C ALA A 18 1.74 6.02 -7.99
N GLU A 19 0.70 5.67 -8.67
CA GLU A 19 -0.37 4.97 -8.05
C GLU A 19 -0.17 3.50 -8.29
N LEU A 20 0.25 2.84 -7.26
CA LEU A 20 0.60 1.46 -7.33
C LEU A 20 -0.43 0.64 -6.62
N VAL A 21 -0.59 -0.57 -7.01
CA VAL A 21 -1.52 -1.45 -6.40
C VAL A 21 -0.80 -2.38 -5.42
N PRO A 22 -1.25 -2.43 -4.17
CA PRO A 22 -0.66 -3.30 -3.18
C PRO A 22 -0.98 -4.77 -3.48
N GLU A 23 0.05 -5.56 -3.46
CA GLU A 23 -0.04 -6.97 -3.74
C GLU A 23 -0.49 -7.76 -2.54
N LYS A 24 -0.22 -7.25 -1.41
CA LYS A 24 -0.62 -7.86 -0.19
C LYS A 24 -0.96 -6.76 0.77
N VAL A 25 -2.10 -6.85 1.41
CA VAL A 25 -2.52 -5.84 2.37
C VAL A 25 -2.78 -6.46 3.73
N TRP A 26 -2.36 -5.80 4.76
CA TRP A 26 -2.60 -6.23 6.11
C TRP A 26 -2.88 -5.05 6.99
N ALA A 27 -3.53 -5.29 8.11
CA ALA A 27 -3.92 -4.23 9.00
C ALA A 27 -3.36 -4.44 10.38
N LEU A 28 -3.21 -3.36 11.07
CA LEU A 28 -2.81 -3.33 12.45
C LEU A 28 -3.81 -2.44 13.15
N ALA A 29 -4.81 -3.03 13.73
CA ALA A 29 -5.85 -2.25 14.36
C ALA A 29 -5.84 -2.39 15.88
N PRO A 30 -5.20 -1.45 16.58
CA PRO A 30 -5.20 -1.42 18.02
C PRO A 30 -6.49 -0.77 18.55
N LYS A 31 -7.04 -1.33 19.60
CA LYS A 31 -8.27 -0.81 20.17
C LYS A 31 -8.04 0.57 20.77
N GLY A 32 -8.86 1.52 20.36
CA GLY A 32 -8.74 2.88 20.82
C GLY A 32 -7.86 3.70 19.90
N ARG A 33 -7.34 3.05 18.89
CA ARG A 33 -6.50 3.68 17.91
C ARG A 33 -7.17 3.55 16.57
N LYS A 34 -6.46 3.83 15.51
CA LYS A 34 -7.04 3.71 14.20
C LYS A 34 -6.44 2.51 13.51
N GLY A 35 -7.20 1.90 12.64
CA GLY A 35 -6.74 0.71 11.98
C GLY A 35 -5.83 0.99 10.83
N VAL A 36 -4.52 1.04 11.11
CA VAL A 36 -3.55 1.32 10.09
C VAL A 36 -3.37 0.10 9.23
N LYS A 37 -3.01 0.33 8.02
CA LYS A 37 -2.91 -0.70 7.05
C LYS A 37 -1.59 -0.60 6.38
N ILE A 38 -1.08 -1.68 5.92
CA ILE A 38 0.18 -1.69 5.21
C ILE A 38 0.04 -2.60 4.01
N GLY A 39 0.54 -2.15 2.89
CA GLY A 39 0.48 -2.92 1.71
C GLY A 39 1.85 -3.09 1.13
N LEU A 40 2.07 -4.21 0.51
CA LEU A 40 3.32 -4.49 -0.15
C LEU A 40 3.20 -4.14 -1.62
N PHE A 41 4.10 -3.33 -2.09
CA PHE A 41 4.10 -2.82 -3.44
C PHE A 41 5.37 -3.22 -4.15
N LYS A 42 5.42 -2.99 -5.43
CA LYS A 42 6.61 -3.18 -6.20
C LYS A 42 7.07 -1.82 -6.70
N ASP A 43 8.31 -1.51 -6.48
CA ASP A 43 8.90 -0.28 -6.96
C ASP A 43 9.27 -0.44 -8.42
N PRO A 44 8.72 0.39 -9.30
CA PRO A 44 8.96 0.26 -10.74
C PRO A 44 10.32 0.81 -11.19
N GLU A 45 11.08 1.34 -10.27
CA GLU A 45 12.33 1.93 -10.62
C GLU A 45 13.47 0.94 -10.38
N THR A 46 13.49 0.37 -9.21
CA THR A 46 14.50 -0.58 -8.84
C THR A 46 14.01 -2.01 -9.10
N GLY A 47 12.72 -2.24 -8.85
CA GLY A 47 12.15 -3.52 -9.07
C GLY A 47 11.83 -4.26 -7.79
N LYS A 48 12.22 -3.69 -6.67
CA LYS A 48 12.06 -4.34 -5.37
C LYS A 48 10.65 -4.20 -4.85
N TYR A 49 10.31 -5.00 -3.89
CA TYR A 49 9.04 -4.92 -3.23
C TYR A 49 9.20 -4.15 -1.95
N PHE A 50 8.34 -3.20 -1.73
CA PHE A 50 8.43 -2.42 -0.53
C PHE A 50 7.09 -2.38 0.14
N ARG A 51 7.06 -2.48 1.43
CA ARG A 51 5.86 -2.32 2.15
C ARG A 51 5.69 -0.87 2.54
N HIS A 52 4.48 -0.39 2.50
CA HIS A 52 4.17 0.97 2.80
C HIS A 52 2.80 1.04 3.44
N LYS A 53 2.68 1.82 4.50
CA LYS A 53 1.41 2.00 5.20
C LYS A 53 0.39 2.67 4.30
N LEU A 54 -0.77 2.15 4.32
CA LEU A 54 -1.85 2.67 3.56
C LEU A 54 -2.64 3.57 4.51
N PRO A 55 -3.59 4.34 3.99
CA PRO A 55 -4.46 5.15 4.84
C PRO A 55 -5.35 4.24 5.67
N ASP A 56 -5.76 4.69 6.83
CA ASP A 56 -6.56 3.87 7.71
C ASP A 56 -7.98 3.70 7.18
N ASP A 57 -8.39 4.59 6.29
CA ASP A 57 -9.74 4.52 5.71
C ASP A 57 -9.72 3.74 4.38
N TYR A 58 -8.55 3.30 3.99
CA TYR A 58 -8.36 2.61 2.73
C TYR A 58 -9.09 1.25 2.76
N PRO A 59 -9.93 0.99 1.76
CA PRO A 59 -10.76 -0.21 1.74
C PRO A 59 -9.98 -1.49 1.45
N ILE A 60 -9.76 -2.28 2.47
CA ILE A 60 -9.15 -3.57 2.30
C ILE A 60 -10.12 -4.63 2.76
N MET A 1 -1.12 -0.41 -14.43
CA MET A 1 -1.38 0.35 -13.21
C MET A 1 -2.52 -0.25 -12.40
N SER A 2 -3.72 -0.21 -12.91
CA SER A 2 -4.86 -0.73 -12.20
C SER A 2 -4.99 -2.22 -12.52
N SER A 3 -4.18 -3.01 -11.88
CA SER A 3 -4.12 -4.40 -12.13
C SER A 3 -5.13 -5.16 -11.28
N GLY A 4 -6.35 -5.28 -11.81
CA GLY A 4 -7.40 -6.02 -11.17
C GLY A 4 -8.03 -5.29 -10.00
N LYS A 5 -7.25 -5.07 -8.99
CA LYS A 5 -7.69 -4.43 -7.78
C LYS A 5 -7.51 -2.92 -7.89
N LYS A 6 -7.75 -2.25 -6.81
CA LYS A 6 -7.68 -0.81 -6.79
C LYS A 6 -6.28 -0.36 -6.38
N PRO A 7 -5.66 0.53 -7.15
CA PRO A 7 -4.34 1.04 -6.82
C PRO A 7 -4.40 2.21 -5.83
N VAL A 8 -3.26 2.67 -5.40
CA VAL A 8 -3.15 3.81 -4.55
C VAL A 8 -1.89 4.56 -4.93
N LYS A 9 -1.96 5.88 -4.92
CA LYS A 9 -0.83 6.69 -5.24
C LYS A 9 0.13 6.66 -4.05
N VAL A 10 1.23 6.00 -4.23
CA VAL A 10 2.14 5.74 -3.15
C VAL A 10 3.57 6.14 -3.51
N LYS A 11 4.28 6.67 -2.52
CA LYS A 11 5.66 7.07 -2.67
C LYS A 11 6.55 5.83 -2.63
N THR A 12 7.28 5.61 -3.69
CA THR A 12 8.11 4.44 -3.84
C THR A 12 9.53 4.74 -3.33
N PRO A 13 10.43 3.71 -3.26
CA PRO A 13 11.83 3.90 -2.83
C PRO A 13 12.63 4.69 -3.87
N ALA A 14 12.08 4.80 -5.08
CA ALA A 14 12.73 5.55 -6.14
C ALA A 14 12.57 7.06 -5.87
N GLY A 15 11.61 7.40 -5.04
CA GLY A 15 11.41 8.79 -4.66
C GLY A 15 10.23 9.41 -5.38
N LYS A 16 9.56 8.62 -6.17
CA LYS A 16 8.44 9.09 -6.94
C LYS A 16 7.16 8.55 -6.34
N GLU A 17 6.08 9.20 -6.58
CA GLU A 17 4.82 8.78 -6.05
C GLU A 17 3.90 8.41 -7.21
N ALA A 18 3.67 7.15 -7.36
CA ALA A 18 2.88 6.66 -8.47
C ALA A 18 1.78 5.75 -7.97
N GLU A 19 0.77 5.56 -8.76
CA GLU A 19 -0.31 4.70 -8.39
C GLU A 19 0.04 3.25 -8.64
N LEU A 20 0.24 2.54 -7.57
CA LEU A 20 0.57 1.14 -7.60
C LEU A 20 -0.51 0.40 -6.87
N VAL A 21 -0.81 -0.78 -7.31
CA VAL A 21 -1.75 -1.59 -6.63
C VAL A 21 -1.01 -2.57 -5.71
N PRO A 22 -1.39 -2.60 -4.41
CA PRO A 22 -0.75 -3.47 -3.44
C PRO A 22 -0.87 -4.93 -3.83
N GLU A 23 0.22 -5.66 -3.68
CA GLU A 23 0.26 -7.07 -3.97
C GLU A 23 -0.60 -7.77 -2.93
N LYS A 24 -0.46 -7.32 -1.70
CA LYS A 24 -1.21 -7.82 -0.59
C LYS A 24 -1.42 -6.64 0.38
N VAL A 25 -2.51 -6.67 1.12
CA VAL A 25 -2.80 -5.61 2.08
C VAL A 25 -3.02 -6.22 3.45
N TRP A 26 -2.71 -5.49 4.48
CA TRP A 26 -2.94 -5.92 5.82
C TRP A 26 -3.05 -4.73 6.74
N ALA A 27 -3.48 -4.97 7.95
CA ALA A 27 -3.62 -3.91 8.92
C ALA A 27 -3.13 -4.39 10.27
N LEU A 28 -2.58 -3.49 11.02
CA LEU A 28 -2.07 -3.78 12.35
C LEU A 28 -2.85 -3.01 13.38
N ALA A 29 -3.57 -3.71 14.21
CA ALA A 29 -4.35 -3.10 15.26
C ALA A 29 -4.18 -3.90 16.55
N PRO A 30 -3.33 -3.42 17.47
CA PRO A 30 -3.13 -4.07 18.75
C PRO A 30 -4.26 -3.76 19.74
N LYS A 31 -4.35 -2.51 20.16
CA LYS A 31 -5.37 -2.06 21.07
C LYS A 31 -6.12 -0.90 20.42
N GLY A 32 -6.50 0.10 21.21
CA GLY A 32 -7.24 1.25 20.70
C GLY A 32 -6.40 2.14 19.82
N ARG A 33 -6.32 1.79 18.57
CA ARG A 33 -5.57 2.51 17.56
C ARG A 33 -6.35 2.26 16.26
N LYS A 34 -6.24 3.18 15.28
CA LYS A 34 -6.90 3.07 13.94
C LYS A 34 -6.82 1.67 13.35
N GLY A 35 -5.65 1.11 13.42
CA GLY A 35 -5.41 -0.12 12.74
C GLY A 35 -4.70 0.23 11.48
N VAL A 36 -3.40 0.26 11.55
CA VAL A 36 -2.59 0.79 10.47
C VAL A 36 -2.54 -0.14 9.30
N LYS A 37 -3.08 0.32 8.22
CA LYS A 37 -3.13 -0.40 6.98
C LYS A 37 -1.81 -0.27 6.28
N ILE A 38 -1.27 -1.37 5.84
CA ILE A 38 -0.01 -1.40 5.14
C ILE A 38 -0.17 -2.29 3.94
N GLY A 39 0.44 -1.91 2.85
CA GLY A 39 0.38 -2.70 1.67
C GLY A 39 1.75 -2.93 1.13
N LEU A 40 1.95 -4.05 0.49
CA LEU A 40 3.21 -4.37 -0.10
C LEU A 40 3.15 -4.05 -1.57
N PHE A 41 4.07 -3.27 -2.00
CA PHE A 41 4.12 -2.82 -3.36
C PHE A 41 5.40 -3.27 -4.00
N LYS A 42 5.50 -3.07 -5.27
CA LYS A 42 6.68 -3.35 -6.02
C LYS A 42 6.97 -2.12 -6.84
N ASP A 43 8.13 -1.56 -6.66
CA ASP A 43 8.53 -0.41 -7.44
C ASP A 43 8.85 -0.89 -8.85
N PRO A 44 8.30 -0.25 -9.90
CA PRO A 44 8.44 -0.74 -11.27
C PRO A 44 9.86 -0.64 -11.82
N GLU A 45 10.58 0.35 -11.40
CA GLU A 45 11.89 0.60 -11.97
C GLU A 45 13.05 0.01 -11.17
N THR A 46 12.94 0.01 -9.87
CA THR A 46 13.98 -0.59 -9.05
C THR A 46 13.68 -2.08 -8.86
N GLY A 47 12.40 -2.42 -8.96
CA GLY A 47 11.96 -3.80 -8.90
C GLY A 47 11.75 -4.31 -7.50
N LYS A 48 12.09 -3.51 -6.51
CA LYS A 48 12.04 -3.95 -5.13
C LYS A 48 10.63 -3.85 -4.54
N TYR A 49 10.38 -4.71 -3.60
CA TYR A 49 9.11 -4.76 -2.91
C TYR A 49 9.19 -3.97 -1.64
N PHE A 50 8.30 -3.06 -1.46
CA PHE A 50 8.31 -2.26 -0.28
C PHE A 50 6.94 -2.24 0.33
N ARG A 51 6.89 -2.33 1.63
CA ARG A 51 5.67 -2.21 2.33
C ARG A 51 5.53 -0.80 2.82
N HIS A 52 4.41 -0.21 2.53
CA HIS A 52 4.18 1.17 2.86
C HIS A 52 2.81 1.29 3.47
N LYS A 53 2.69 2.18 4.43
CA LYS A 53 1.40 2.45 5.06
C LYS A 53 0.40 2.94 4.01
N LEU A 54 -0.79 2.49 4.10
CA LEU A 54 -1.83 2.96 3.24
C LEU A 54 -2.58 4.04 4.01
N PRO A 55 -3.45 4.81 3.38
CA PRO A 55 -4.21 5.81 4.09
C PRO A 55 -5.16 5.15 5.08
N ASP A 56 -5.32 5.76 6.24
CA ASP A 56 -6.17 5.25 7.33
C ASP A 56 -7.55 4.89 6.83
N ASP A 57 -8.08 5.74 5.98
CA ASP A 57 -9.44 5.62 5.48
C ASP A 57 -9.52 4.94 4.12
N TYR A 58 -8.45 4.25 3.72
CA TYR A 58 -8.44 3.54 2.46
C TYR A 58 -9.09 2.16 2.64
N PRO A 59 -10.15 1.87 1.90
CA PRO A 59 -10.88 0.63 2.06
C PRO A 59 -10.13 -0.57 1.47
N ILE A 60 -9.74 -1.47 2.34
CA ILE A 60 -9.05 -2.64 1.94
C ILE A 60 -9.93 -3.85 2.11
N MET A 1 -18.12 -5.02 -11.12
CA MET A 1 -17.83 -5.17 -9.69
C MET A 1 -16.46 -5.82 -9.54
N SER A 2 -15.51 -5.04 -9.03
CA SER A 2 -14.11 -5.42 -8.83
C SER A 2 -13.33 -5.47 -10.15
N SER A 3 -12.35 -4.60 -10.27
CA SER A 3 -11.59 -4.47 -11.49
C SER A 3 -10.50 -5.54 -11.55
N GLY A 4 -10.11 -6.03 -10.38
CA GLY A 4 -9.05 -7.01 -10.29
C GLY A 4 -7.83 -6.38 -9.68
N LYS A 5 -7.73 -5.09 -9.85
CA LYS A 5 -6.65 -4.29 -9.34
C LYS A 5 -7.22 -2.99 -8.87
N LYS A 6 -6.64 -2.44 -7.85
CA LYS A 6 -7.07 -1.17 -7.31
C LYS A 6 -5.85 -0.46 -6.71
N PRO A 7 -5.17 0.35 -7.54
CA PRO A 7 -3.96 1.05 -7.12
C PRO A 7 -4.22 2.25 -6.24
N VAL A 8 -3.19 2.72 -5.59
CA VAL A 8 -3.29 3.87 -4.73
C VAL A 8 -2.05 4.74 -4.94
N LYS A 9 -2.18 6.03 -4.73
CA LYS A 9 -1.05 6.94 -4.81
C LYS A 9 -0.11 6.64 -3.66
N VAL A 10 1.01 6.09 -3.96
CA VAL A 10 1.94 5.74 -2.96
C VAL A 10 3.33 6.27 -3.32
N LYS A 11 4.08 6.63 -2.29
CA LYS A 11 5.42 7.13 -2.47
C LYS A 11 6.36 5.95 -2.59
N THR A 12 7.19 5.97 -3.58
CA THR A 12 8.08 4.87 -3.84
C THR A 12 9.40 5.08 -3.09
N PRO A 13 10.21 4.01 -2.91
CA PRO A 13 11.55 4.12 -2.33
C PRO A 13 12.49 4.77 -3.35
N ALA A 14 12.00 4.92 -4.57
CA ALA A 14 12.72 5.56 -5.64
C ALA A 14 12.59 7.08 -5.56
N GLY A 15 11.78 7.57 -4.64
CA GLY A 15 11.70 9.01 -4.39
C GLY A 15 10.49 9.71 -5.00
N LYS A 16 9.80 9.06 -5.90
CA LYS A 16 8.66 9.69 -6.56
C LYS A 16 7.38 8.99 -6.21
N GLU A 17 6.27 9.52 -6.63
CA GLU A 17 5.01 8.87 -6.35
C GLU A 17 4.50 8.18 -7.57
N ALA A 18 3.72 7.18 -7.35
CA ALA A 18 3.08 6.45 -8.40
C ALA A 18 1.86 5.80 -7.84
N GLU A 19 0.89 5.56 -8.67
CA GLU A 19 -0.26 4.83 -8.23
C GLU A 19 0.03 3.38 -8.50
N LEU A 20 0.32 2.67 -7.45
CA LEU A 20 0.74 1.31 -7.55
C LEU A 20 -0.30 0.42 -6.94
N VAL A 21 -0.42 -0.76 -7.47
CA VAL A 21 -1.38 -1.71 -6.98
C VAL A 21 -0.72 -2.61 -5.93
N PRO A 22 -1.29 -2.65 -4.72
CA PRO A 22 -0.76 -3.47 -3.64
C PRO A 22 -0.91 -4.95 -3.93
N GLU A 23 0.17 -5.66 -3.72
CA GLU A 23 0.24 -7.09 -3.94
C GLU A 23 -0.49 -7.76 -2.80
N LYS A 24 -0.16 -7.32 -1.60
CA LYS A 24 -0.70 -7.88 -0.38
C LYS A 24 -1.04 -6.73 0.54
N VAL A 25 -2.14 -6.82 1.27
CA VAL A 25 -2.54 -5.77 2.21
C VAL A 25 -2.83 -6.37 3.57
N TRP A 26 -2.50 -5.64 4.61
CA TRP A 26 -2.74 -6.04 5.97
C TRP A 26 -2.92 -4.81 6.83
N ALA A 27 -3.45 -4.98 8.00
CA ALA A 27 -3.64 -3.85 8.89
C ALA A 27 -3.28 -4.23 10.29
N LEU A 28 -2.63 -3.32 10.97
CA LEU A 28 -2.27 -3.51 12.34
C LEU A 28 -3.20 -2.67 13.20
N ALA A 29 -4.14 -3.33 13.81
CA ALA A 29 -5.08 -2.68 14.68
C ALA A 29 -4.95 -3.26 16.08
N PRO A 30 -4.33 -2.52 17.01
CA PRO A 30 -4.14 -2.99 18.40
C PRO A 30 -5.41 -2.87 19.25
N LYS A 31 -6.51 -2.45 18.60
CA LYS A 31 -7.85 -2.33 19.20
C LYS A 31 -7.93 -1.14 20.17
N GLY A 32 -8.62 -0.11 19.75
CA GLY A 32 -8.78 1.09 20.55
C GLY A 32 -7.83 2.17 20.08
N ARG A 33 -7.25 1.95 18.93
CA ARG A 33 -6.26 2.85 18.34
C ARG A 33 -6.55 2.99 16.85
N LYS A 34 -5.61 3.53 16.11
CA LYS A 34 -5.75 3.67 14.67
C LYS A 34 -5.42 2.36 13.98
N GLY A 35 -5.98 2.18 12.82
CA GLY A 35 -5.74 0.99 12.06
C GLY A 35 -4.68 1.24 11.03
N VAL A 36 -3.49 0.75 11.30
CA VAL A 36 -2.37 0.98 10.41
C VAL A 36 -2.43 -0.02 9.27
N LYS A 37 -2.94 0.42 8.16
CA LYS A 37 -3.06 -0.39 6.97
C LYS A 37 -1.77 -0.31 6.19
N ILE A 38 -1.23 -1.44 5.81
CA ILE A 38 0.02 -1.49 5.10
C ILE A 38 -0.15 -2.42 3.91
N GLY A 39 0.43 -2.04 2.81
CA GLY A 39 0.39 -2.86 1.65
C GLY A 39 1.75 -3.03 1.09
N LEU A 40 1.98 -4.14 0.48
CA LEU A 40 3.24 -4.43 -0.14
C LEU A 40 3.12 -4.09 -1.63
N PHE A 41 4.01 -3.29 -2.10
CA PHE A 41 4.02 -2.84 -3.46
C PHE A 41 5.32 -3.24 -4.11
N LYS A 42 5.42 -3.09 -5.38
CA LYS A 42 6.65 -3.33 -6.08
C LYS A 42 7.04 -2.07 -6.80
N ASP A 43 8.18 -1.53 -6.46
CA ASP A 43 8.68 -0.28 -7.04
C ASP A 43 8.95 -0.49 -8.54
N PRO A 44 8.53 0.45 -9.39
CA PRO A 44 8.68 0.33 -10.85
C PRO A 44 10.13 0.54 -11.36
N GLU A 45 10.95 1.22 -10.59
CA GLU A 45 12.29 1.55 -11.04
C GLU A 45 13.33 0.56 -10.49
N THR A 46 13.29 0.36 -9.21
CA THR A 46 14.22 -0.50 -8.55
C THR A 46 13.74 -1.95 -8.58
N GLY A 47 12.42 -2.10 -8.60
CA GLY A 47 11.84 -3.40 -8.66
C GLY A 47 11.62 -4.03 -7.30
N LYS A 48 12.05 -3.35 -6.25
CA LYS A 48 11.97 -3.92 -4.91
C LYS A 48 10.55 -3.86 -4.38
N TYR A 49 10.17 -4.87 -3.64
CA TYR A 49 8.89 -4.89 -2.99
C TYR A 49 9.00 -4.11 -1.71
N PHE A 50 8.16 -3.14 -1.55
CA PHE A 50 8.22 -2.35 -0.37
C PHE A 50 6.87 -2.32 0.29
N ARG A 51 6.86 -2.40 1.58
CA ARG A 51 5.66 -2.33 2.31
C ARG A 51 5.47 -0.90 2.79
N HIS A 52 4.36 -0.33 2.46
CA HIS A 52 4.10 1.05 2.79
C HIS A 52 2.70 1.16 3.33
N LYS A 53 2.50 2.09 4.23
CA LYS A 53 1.21 2.35 4.80
C LYS A 53 0.23 2.81 3.71
N LEU A 54 -0.99 2.38 3.83
CA LEU A 54 -2.02 2.75 2.91
C LEU A 54 -2.81 3.88 3.58
N PRO A 55 -3.73 4.51 2.84
CA PRO A 55 -4.57 5.54 3.42
C PRO A 55 -5.51 4.91 4.45
N ASP A 56 -5.78 5.64 5.49
CA ASP A 56 -6.62 5.18 6.60
C ASP A 56 -8.01 4.83 6.11
N ASP A 57 -8.47 5.57 5.12
CA ASP A 57 -9.81 5.38 4.57
C ASP A 57 -9.84 4.40 3.40
N TYR A 58 -8.71 3.79 3.10
CA TYR A 58 -8.64 2.86 1.99
C TYR A 58 -9.26 1.52 2.41
N PRO A 59 -10.26 1.06 1.66
CA PRO A 59 -10.95 -0.18 1.97
C PRO A 59 -10.11 -1.41 1.66
N ILE A 60 -9.84 -2.19 2.65
CA ILE A 60 -9.08 -3.39 2.48
C ILE A 60 -9.96 -4.61 2.76
N MET A 1 -19.18 -7.18 -10.11
CA MET A 1 -18.11 -6.18 -10.03
C MET A 1 -16.78 -6.79 -10.45
N SER A 2 -16.27 -7.73 -9.62
CA SER A 2 -14.99 -8.41 -9.83
C SER A 2 -13.84 -7.40 -9.99
N SER A 3 -13.32 -6.92 -8.91
CA SER A 3 -12.24 -5.98 -8.93
C SER A 3 -11.32 -6.18 -7.74
N GLY A 4 -10.30 -6.96 -7.95
CA GLY A 4 -9.36 -7.25 -6.90
C GLY A 4 -8.21 -6.30 -6.90
N LYS A 5 -7.89 -5.75 -8.05
CA LYS A 5 -6.80 -4.81 -8.15
C LYS A 5 -7.28 -3.40 -8.02
N LYS A 6 -6.52 -2.65 -7.27
CA LYS A 6 -6.81 -1.24 -6.99
C LYS A 6 -5.51 -0.48 -6.66
N PRO A 7 -5.04 0.36 -7.60
CA PRO A 7 -3.80 1.09 -7.42
C PRO A 7 -3.96 2.37 -6.58
N VAL A 8 -3.20 2.47 -5.54
CA VAL A 8 -3.27 3.60 -4.64
C VAL A 8 -2.09 4.52 -4.90
N LYS A 9 -2.29 5.81 -4.69
CA LYS A 9 -1.22 6.77 -4.81
C LYS A 9 -0.29 6.61 -3.64
N VAL A 10 0.86 6.11 -3.90
CA VAL A 10 1.80 5.84 -2.85
C VAL A 10 3.19 6.30 -3.26
N LYS A 11 3.94 6.76 -2.29
CA LYS A 11 5.28 7.19 -2.52
C LYS A 11 6.24 6.03 -2.33
N THR A 12 7.14 5.92 -3.25
CA THR A 12 8.09 4.83 -3.31
C THR A 12 9.30 5.08 -2.40
N PRO A 13 10.16 4.06 -2.17
CA PRO A 13 11.42 4.23 -1.48
C PRO A 13 12.38 5.01 -2.36
N ALA A 14 12.10 4.96 -3.67
CA ALA A 14 12.85 5.69 -4.67
C ALA A 14 12.74 7.17 -4.41
N GLY A 15 11.51 7.63 -4.26
CA GLY A 15 11.29 9.03 -3.98
C GLY A 15 10.22 9.65 -4.84
N LYS A 16 9.62 8.87 -5.71
CA LYS A 16 8.57 9.38 -6.55
C LYS A 16 7.23 8.82 -6.08
N GLU A 17 6.17 9.47 -6.44
CA GLU A 17 4.85 9.00 -6.12
C GLU A 17 4.26 8.34 -7.35
N ALA A 18 3.61 7.23 -7.16
CA ALA A 18 3.01 6.51 -8.25
C ALA A 18 1.78 5.80 -7.76
N GLU A 19 0.95 5.39 -8.67
CA GLU A 19 -0.21 4.63 -8.33
C GLU A 19 0.14 3.19 -8.46
N LEU A 20 0.31 2.55 -7.36
CA LEU A 20 0.77 1.20 -7.33
C LEU A 20 -0.27 0.30 -6.73
N VAL A 21 -0.44 -0.85 -7.33
CA VAL A 21 -1.33 -1.84 -6.82
C VAL A 21 -0.56 -2.76 -5.85
N PRO A 22 -1.02 -2.88 -4.61
CA PRO A 22 -0.37 -3.71 -3.62
C PRO A 22 -0.59 -5.19 -3.90
N GLU A 23 0.44 -5.99 -3.65
CA GLU A 23 0.39 -7.43 -3.84
C GLU A 23 -0.55 -8.04 -2.80
N LYS A 24 -0.49 -7.47 -1.62
CA LYS A 24 -1.29 -7.90 -0.51
C LYS A 24 -1.44 -6.71 0.43
N VAL A 25 -2.47 -6.74 1.25
CA VAL A 25 -2.75 -5.67 2.18
C VAL A 25 -3.03 -6.25 3.58
N TRP A 26 -2.51 -5.60 4.58
CA TRP A 26 -2.74 -6.01 5.95
C TRP A 26 -2.90 -4.78 6.81
N ALA A 27 -3.59 -4.91 7.90
CA ALA A 27 -3.84 -3.76 8.77
C ALA A 27 -3.50 -4.08 10.20
N LEU A 28 -2.66 -3.28 10.77
CA LEU A 28 -2.29 -3.41 12.15
C LEU A 28 -3.25 -2.59 12.98
N ALA A 29 -4.26 -3.23 13.49
CA ALA A 29 -5.24 -2.57 14.28
C ALA A 29 -5.40 -3.28 15.60
N PRO A 30 -4.92 -2.70 16.70
CA PRO A 30 -5.10 -3.27 18.02
C PRO A 30 -6.54 -3.06 18.49
N LYS A 31 -6.90 -1.82 18.79
CA LYS A 31 -8.27 -1.48 19.14
C LYS A 31 -8.51 0.02 18.94
N GLY A 32 -7.82 0.83 19.72
CA GLY A 32 -7.95 2.27 19.63
C GLY A 32 -6.87 2.87 18.76
N ARG A 33 -7.11 2.83 17.48
CA ARG A 33 -6.20 3.31 16.48
C ARG A 33 -6.99 3.29 15.18
N LYS A 34 -6.64 4.13 14.20
CA LYS A 34 -7.27 4.04 12.88
C LYS A 34 -7.05 2.65 12.31
N GLY A 35 -5.83 2.20 12.42
CA GLY A 35 -5.46 0.94 11.89
C GLY A 35 -4.44 1.16 10.84
N VAL A 36 -3.24 0.71 11.10
CA VAL A 36 -2.16 0.95 10.19
C VAL A 36 -2.27 -0.02 9.06
N LYS A 37 -2.83 0.43 7.98
CA LYS A 37 -2.95 -0.36 6.81
C LYS A 37 -1.65 -0.29 6.07
N ILE A 38 -1.10 -1.42 5.76
CA ILE A 38 0.14 -1.47 5.07
C ILE A 38 -0.01 -2.40 3.87
N GLY A 39 0.52 -1.99 2.76
CA GLY A 39 0.47 -2.79 1.59
C GLY A 39 1.84 -3.02 1.06
N LEU A 40 2.04 -4.15 0.45
CA LEU A 40 3.31 -4.48 -0.13
C LEU A 40 3.25 -4.17 -1.61
N PHE A 41 4.12 -3.33 -2.06
CA PHE A 41 4.14 -2.83 -3.42
C PHE A 41 5.43 -3.22 -4.09
N LYS A 42 5.49 -3.03 -5.37
CA LYS A 42 6.70 -3.23 -6.12
C LYS A 42 7.19 -1.90 -6.61
N ASP A 43 8.41 -1.57 -6.28
CA ASP A 43 9.04 -0.33 -6.69
C ASP A 43 9.48 -0.47 -8.14
N PRO A 44 9.02 0.42 -9.02
CA PRO A 44 9.32 0.36 -10.45
C PRO A 44 10.71 0.88 -10.81
N GLU A 45 11.45 1.36 -9.85
CA GLU A 45 12.77 1.86 -10.11
C GLU A 45 13.81 0.80 -9.80
N THR A 46 13.76 0.29 -8.60
CA THR A 46 14.73 -0.68 -8.11
C THR A 46 14.26 -2.13 -8.30
N GLY A 47 12.96 -2.32 -8.52
CA GLY A 47 12.42 -3.63 -8.78
C GLY A 47 12.24 -4.47 -7.54
N LYS A 48 12.21 -3.84 -6.40
CA LYS A 48 12.03 -4.56 -5.17
C LYS A 48 10.64 -4.35 -4.61
N TYR A 49 10.24 -5.19 -3.71
CA TYR A 49 8.96 -5.05 -3.06
C TYR A 49 9.12 -4.28 -1.77
N PHE A 50 8.28 -3.30 -1.57
CA PHE A 50 8.35 -2.50 -0.38
C PHE A 50 7.00 -2.39 0.25
N ARG A 51 6.96 -2.44 1.55
CA ARG A 51 5.74 -2.25 2.24
C ARG A 51 5.63 -0.79 2.70
N HIS A 52 4.49 -0.20 2.50
CA HIS A 52 4.26 1.19 2.86
C HIS A 52 2.87 1.31 3.44
N LYS A 53 2.70 2.25 4.36
CA LYS A 53 1.40 2.51 4.96
C LYS A 53 0.43 3.03 3.89
N LEU A 54 -0.78 2.62 3.97
CA LEU A 54 -1.81 3.04 3.08
C LEU A 54 -2.65 4.07 3.80
N PRO A 55 -3.57 4.75 3.11
CA PRO A 55 -4.50 5.65 3.75
C PRO A 55 -5.45 4.84 4.63
N ASP A 56 -5.81 5.36 5.78
CA ASP A 56 -6.71 4.67 6.68
C ASP A 56 -8.11 4.62 6.08
N ASP A 57 -8.37 5.55 5.19
CA ASP A 57 -9.64 5.65 4.49
C ASP A 57 -9.66 4.75 3.24
N TYR A 58 -8.55 4.08 2.98
CA TYR A 58 -8.44 3.20 1.85
C TYR A 58 -9.09 1.85 2.19
N PRO A 59 -10.07 1.40 1.42
CA PRO A 59 -10.74 0.15 1.67
C PRO A 59 -9.87 -1.00 1.19
N ILE A 60 -9.38 -1.76 2.12
CA ILE A 60 -8.52 -2.87 1.80
C ILE A 60 -9.32 -4.15 1.65
N MET A 1 -19.23 -6.26 -6.26
CA MET A 1 -18.56 -6.30 -7.57
C MET A 1 -17.26 -7.04 -7.41
N SER A 2 -16.73 -7.56 -8.48
CA SER A 2 -15.48 -8.25 -8.44
C SER A 2 -14.31 -7.31 -8.71
N SER A 3 -13.89 -6.63 -7.66
CA SER A 3 -12.78 -5.73 -7.72
C SER A 3 -11.64 -6.33 -6.93
N GLY A 4 -11.83 -6.43 -5.62
CA GLY A 4 -10.86 -7.03 -4.73
C GLY A 4 -9.66 -6.14 -4.50
N LYS A 5 -8.86 -6.00 -5.50
CA LYS A 5 -7.65 -5.25 -5.41
C LYS A 5 -7.83 -3.93 -6.15
N LYS A 6 -7.21 -2.88 -5.67
CA LYS A 6 -7.32 -1.60 -6.31
C LYS A 6 -6.01 -0.84 -6.11
N PRO A 7 -5.59 -0.02 -7.08
CA PRO A 7 -4.37 0.73 -6.95
C PRO A 7 -4.50 1.93 -6.02
N VAL A 8 -3.39 2.41 -5.54
CA VAL A 8 -3.37 3.54 -4.66
C VAL A 8 -2.15 4.39 -4.99
N LYS A 9 -2.29 5.68 -4.83
CA LYS A 9 -1.21 6.61 -4.98
C LYS A 9 -0.25 6.38 -3.82
N VAL A 10 0.90 5.84 -4.09
CA VAL A 10 1.81 5.52 -3.04
C VAL A 10 3.17 6.16 -3.26
N LYS A 11 3.72 6.66 -2.20
CA LYS A 11 5.01 7.31 -2.21
C LYS A 11 6.09 6.23 -2.19
N THR A 12 6.86 6.15 -3.22
CA THR A 12 7.85 5.09 -3.37
C THR A 12 9.17 5.49 -2.72
N PRO A 13 10.04 4.50 -2.37
CA PRO A 13 11.37 4.76 -1.81
C PRO A 13 12.31 5.34 -2.88
N ALA A 14 11.86 5.24 -4.12
CA ALA A 14 12.55 5.84 -5.24
C ALA A 14 12.43 7.35 -5.16
N GLY A 15 11.35 7.83 -4.53
CA GLY A 15 11.20 9.24 -4.32
C GLY A 15 10.11 9.87 -5.15
N LYS A 16 9.31 9.08 -5.80
CA LYS A 16 8.20 9.62 -6.55
C LYS A 16 6.91 9.01 -6.06
N GLU A 17 5.83 9.65 -6.34
CA GLU A 17 4.56 9.12 -6.02
C GLU A 17 4.05 8.40 -7.22
N ALA A 18 3.78 7.15 -7.07
CA ALA A 18 3.33 6.35 -8.15
C ALA A 18 2.08 5.64 -7.73
N GLU A 19 1.14 5.56 -8.60
CA GLU A 19 -0.04 4.84 -8.33
C GLU A 19 0.23 3.38 -8.63
N LEU A 20 0.39 2.62 -7.59
CA LEU A 20 0.75 1.23 -7.67
C LEU A 20 -0.35 0.44 -7.02
N VAL A 21 -0.52 -0.76 -7.46
CA VAL A 21 -1.47 -1.63 -6.86
C VAL A 21 -0.72 -2.60 -5.93
N PRO A 22 -1.15 -2.69 -4.67
CA PRO A 22 -0.49 -3.56 -3.69
C PRO A 22 -0.67 -5.04 -4.02
N GLU A 23 0.35 -5.81 -3.77
CA GLU A 23 0.30 -7.23 -4.00
C GLU A 23 -0.54 -7.89 -2.90
N LYS A 24 -0.42 -7.36 -1.72
CA LYS A 24 -1.13 -7.83 -0.56
C LYS A 24 -1.28 -6.67 0.40
N VAL A 25 -2.37 -6.66 1.16
CA VAL A 25 -2.65 -5.61 2.13
C VAL A 25 -2.98 -6.20 3.48
N TRP A 26 -2.66 -5.49 4.53
CA TRP A 26 -2.96 -5.90 5.87
C TRP A 26 -2.99 -4.67 6.76
N ALA A 27 -3.62 -4.78 7.89
CA ALA A 27 -3.70 -3.69 8.80
C ALA A 27 -3.33 -4.14 10.17
N LEU A 28 -2.56 -3.33 10.84
CA LEU A 28 -2.19 -3.62 12.19
C LEU A 28 -3.16 -2.90 13.10
N ALA A 29 -4.20 -3.61 13.46
CA ALA A 29 -5.24 -3.09 14.30
C ALA A 29 -5.65 -4.13 15.31
N PRO A 30 -4.93 -4.22 16.43
CA PRO A 30 -5.25 -5.17 17.47
C PRO A 30 -6.40 -4.68 18.34
N LYS A 31 -7.62 -5.03 17.92
CA LYS A 31 -8.92 -4.71 18.57
C LYS A 31 -9.22 -3.21 18.80
N GLY A 32 -8.35 -2.50 19.46
CA GLY A 32 -8.60 -1.14 19.78
C GLY A 32 -7.62 -0.20 19.14
N ARG A 33 -7.74 -0.05 17.86
CA ARG A 33 -6.92 0.85 17.09
C ARG A 33 -7.62 1.11 15.79
N LYS A 34 -7.46 2.29 15.22
CA LYS A 34 -8.03 2.62 13.92
C LYS A 34 -7.46 1.69 12.84
N GLY A 35 -6.17 1.41 12.94
CA GLY A 35 -5.57 0.44 12.09
C GLY A 35 -4.63 1.01 11.09
N VAL A 36 -3.34 0.80 11.33
CA VAL A 36 -2.35 1.21 10.37
C VAL A 36 -2.30 0.19 9.25
N LYS A 37 -2.80 0.60 8.13
CA LYS A 37 -2.90 -0.23 6.96
C LYS A 37 -1.63 -0.18 6.20
N ILE A 38 -1.12 -1.32 5.84
CA ILE A 38 0.12 -1.42 5.12
C ILE A 38 -0.07 -2.34 3.93
N GLY A 39 0.53 -1.98 2.83
CA GLY A 39 0.45 -2.79 1.66
C GLY A 39 1.82 -3.02 1.11
N LEU A 40 2.01 -4.14 0.49
CA LEU A 40 3.27 -4.47 -0.12
C LEU A 40 3.21 -4.14 -1.60
N PHE A 41 4.11 -3.31 -2.04
CA PHE A 41 4.15 -2.82 -3.40
C PHE A 41 5.42 -3.24 -4.08
N LYS A 42 5.55 -2.85 -5.32
CA LYS A 42 6.71 -3.15 -6.10
C LYS A 42 7.21 -1.83 -6.71
N ASP A 43 8.38 -1.40 -6.27
CA ASP A 43 8.98 -0.10 -6.65
C ASP A 43 9.33 -0.02 -8.13
N PRO A 44 8.97 1.09 -8.80
CA PRO A 44 9.20 1.28 -10.24
C PRO A 44 10.69 1.36 -10.68
N GLU A 45 11.58 1.86 -9.84
CA GLU A 45 12.98 2.03 -10.26
C GLU A 45 13.87 0.89 -9.80
N THR A 46 13.54 0.31 -8.68
CA THR A 46 14.36 -0.75 -8.15
C THR A 46 13.74 -2.14 -8.35
N GLY A 47 12.44 -2.18 -8.57
CA GLY A 47 11.75 -3.42 -8.81
C GLY A 47 11.47 -4.23 -7.56
N LYS A 48 11.94 -3.74 -6.44
CA LYS A 48 11.82 -4.45 -5.18
C LYS A 48 10.42 -4.33 -4.60
N TYR A 49 10.10 -5.22 -3.71
CA TYR A 49 8.84 -5.18 -3.03
C TYR A 49 9.00 -4.43 -1.73
N PHE A 50 8.26 -3.37 -1.56
CA PHE A 50 8.39 -2.57 -0.37
C PHE A 50 7.03 -2.46 0.29
N ARG A 51 6.98 -2.54 1.58
CA ARG A 51 5.76 -2.32 2.26
C ARG A 51 5.66 -0.88 2.67
N HIS A 52 4.52 -0.30 2.47
CA HIS A 52 4.30 1.09 2.76
C HIS A 52 2.94 1.24 3.37
N LYS A 53 2.79 2.18 4.29
CA LYS A 53 1.49 2.44 4.90
C LYS A 53 0.53 2.96 3.84
N LEU A 54 -0.68 2.52 3.92
CA LEU A 54 -1.72 2.94 3.02
C LEU A 54 -2.49 4.06 3.73
N PRO A 55 -3.47 4.67 3.09
CA PRO A 55 -4.33 5.64 3.74
C PRO A 55 -5.17 4.91 4.79
N ASP A 56 -5.35 5.52 5.94
CA ASP A 56 -6.04 4.88 7.07
C ASP A 56 -7.49 4.54 6.74
N ASP A 57 -8.06 5.24 5.79
CA ASP A 57 -9.45 5.01 5.42
C ASP A 57 -9.56 4.33 4.06
N TYR A 58 -8.44 3.78 3.59
CA TYR A 58 -8.41 3.02 2.34
C TYR A 58 -9.19 1.70 2.52
N PRO A 59 -10.12 1.41 1.61
CA PRO A 59 -11.01 0.24 1.72
C PRO A 59 -10.31 -1.12 1.61
N ILE A 60 -10.22 -1.80 2.74
CA ILE A 60 -9.72 -3.15 2.83
C ILE A 60 -10.56 -3.88 3.88
N MET A 1 -13.01 6.28 -15.91
CA MET A 1 -11.99 6.59 -14.92
C MET A 1 -11.03 5.43 -14.85
N SER A 2 -9.88 5.65 -14.24
CA SER A 2 -8.87 4.61 -14.10
C SER A 2 -9.43 3.43 -13.33
N SER A 3 -9.56 2.33 -14.00
CA SER A 3 -10.15 1.16 -13.43
C SER A 3 -9.56 -0.11 -14.05
N GLY A 4 -9.65 -1.19 -13.33
CA GLY A 4 -9.07 -2.44 -13.74
C GLY A 4 -8.31 -3.00 -12.60
N LYS A 5 -7.76 -2.09 -11.84
CA LYS A 5 -7.07 -2.37 -10.63
C LYS A 5 -7.61 -1.38 -9.66
N LYS A 6 -7.23 -1.53 -8.46
CA LYS A 6 -7.59 -0.62 -7.43
C LYS A 6 -6.31 -0.27 -6.68
N PRO A 7 -5.56 0.71 -7.20
CA PRO A 7 -4.27 1.08 -6.68
C PRO A 7 -4.35 2.23 -5.69
N VAL A 8 -3.22 2.74 -5.31
CA VAL A 8 -3.14 3.89 -4.48
C VAL A 8 -1.90 4.69 -4.87
N LYS A 9 -1.98 5.99 -4.78
CA LYS A 9 -0.84 6.83 -4.99
C LYS A 9 0.09 6.67 -3.80
N VAL A 10 1.21 6.06 -4.03
CA VAL A 10 2.12 5.79 -2.97
C VAL A 10 3.53 6.28 -3.31
N LYS A 11 4.21 6.79 -2.30
CA LYS A 11 5.59 7.22 -2.43
C LYS A 11 6.49 6.01 -2.46
N THR A 12 7.16 5.84 -3.56
CA THR A 12 8.00 4.70 -3.73
C THR A 12 9.45 5.06 -3.35
N PRO A 13 10.34 4.04 -3.15
CA PRO A 13 11.76 4.27 -2.85
C PRO A 13 12.49 5.05 -3.97
N ALA A 14 11.92 4.99 -5.18
CA ALA A 14 12.45 5.74 -6.32
C ALA A 14 12.27 7.25 -6.12
N GLY A 15 11.40 7.61 -5.20
CA GLY A 15 11.16 9.00 -4.92
C GLY A 15 10.18 9.60 -5.87
N LYS A 16 9.07 8.94 -6.05
CA LYS A 16 8.00 9.41 -6.88
C LYS A 16 6.72 8.87 -6.32
N GLU A 17 5.63 9.48 -6.66
CA GLU A 17 4.35 8.99 -6.23
C GLU A 17 3.67 8.36 -7.41
N ALA A 18 3.53 7.08 -7.34
CA ALA A 18 2.96 6.33 -8.42
C ALA A 18 1.77 5.59 -7.91
N GLU A 19 0.83 5.35 -8.78
CA GLU A 19 -0.31 4.57 -8.40
C GLU A 19 0.02 3.12 -8.59
N LEU A 20 0.25 2.49 -7.51
CA LEU A 20 0.62 1.12 -7.49
C LEU A 20 -0.45 0.35 -6.82
N VAL A 21 -0.77 -0.78 -7.36
CA VAL A 21 -1.73 -1.64 -6.73
C VAL A 21 -0.97 -2.61 -5.81
N PRO A 22 -1.31 -2.63 -4.52
CA PRO A 22 -0.64 -3.47 -3.56
C PRO A 22 -0.85 -4.95 -3.85
N GLU A 23 0.18 -5.72 -3.67
CA GLU A 23 0.16 -7.14 -3.89
C GLU A 23 -0.62 -7.77 -2.73
N LYS A 24 -0.26 -7.39 -1.53
CA LYS A 24 -0.96 -7.83 -0.35
C LYS A 24 -1.19 -6.65 0.57
N VAL A 25 -2.34 -6.63 1.23
CA VAL A 25 -2.70 -5.57 2.18
C VAL A 25 -3.02 -6.16 3.53
N TRP A 26 -2.68 -5.44 4.58
CA TRP A 26 -2.96 -5.87 5.93
C TRP A 26 -3.11 -4.67 6.85
N ALA A 27 -3.88 -4.83 7.89
CA ALA A 27 -4.09 -3.77 8.85
C ALA A 27 -3.68 -4.23 10.23
N LEU A 28 -2.79 -3.48 10.82
CA LEU A 28 -2.29 -3.77 12.14
C LEU A 28 -3.08 -2.99 13.14
N ALA A 29 -3.85 -3.66 13.96
CA ALA A 29 -4.63 -2.99 14.97
C ALA A 29 -4.20 -3.42 16.38
N PRO A 30 -3.18 -2.77 16.94
CA PRO A 30 -2.67 -3.10 18.26
C PRO A 30 -3.56 -2.51 19.33
N LYS A 31 -3.63 -3.18 20.46
CA LYS A 31 -4.44 -2.74 21.58
C LYS A 31 -3.79 -1.53 22.21
N GLY A 32 -4.33 -0.37 21.88
CA GLY A 32 -3.77 0.86 22.35
C GLY A 32 -3.54 1.82 21.23
N ARG A 33 -3.61 1.31 20.02
CA ARG A 33 -3.43 2.14 18.84
C ARG A 33 -4.60 1.96 17.91
N LYS A 34 -4.52 2.58 16.76
CA LYS A 34 -5.53 2.47 15.75
C LYS A 34 -5.09 1.43 14.74
N GLY A 35 -5.90 1.20 13.73
CA GLY A 35 -5.54 0.27 12.70
C GLY A 35 -4.62 0.91 11.68
N VAL A 36 -3.48 0.32 11.49
CA VAL A 36 -2.52 0.80 10.52
C VAL A 36 -2.58 -0.06 9.27
N LYS A 37 -3.02 0.52 8.18
CA LYS A 37 -3.10 -0.19 6.90
C LYS A 37 -1.77 -0.14 6.19
N ILE A 38 -1.24 -1.27 5.84
CA ILE A 38 0.02 -1.34 5.12
C ILE A 38 -0.14 -2.26 3.91
N GLY A 39 0.49 -1.89 2.82
CA GLY A 39 0.44 -2.68 1.63
C GLY A 39 1.81 -2.93 1.09
N LEU A 40 1.99 -4.05 0.47
CA LEU A 40 3.25 -4.41 -0.13
C LEU A 40 3.19 -4.11 -1.62
N PHE A 41 4.14 -3.37 -2.09
CA PHE A 41 4.18 -2.89 -3.45
C PHE A 41 5.48 -3.26 -4.10
N LYS A 42 5.54 -3.10 -5.40
CA LYS A 42 6.76 -3.26 -6.16
C LYS A 42 7.08 -1.94 -6.85
N ASP A 43 8.19 -1.33 -6.46
CA ASP A 43 8.63 -0.01 -6.97
C ASP A 43 8.81 -0.05 -8.48
N PRO A 44 8.28 0.94 -9.20
CA PRO A 44 8.30 0.98 -10.65
C PRO A 44 9.70 1.24 -11.27
N GLU A 45 10.62 1.79 -10.50
CA GLU A 45 11.92 2.12 -11.05
C GLU A 45 12.94 1.04 -10.73
N THR A 46 13.07 0.74 -9.47
CA THR A 46 14.06 -0.19 -8.99
C THR A 46 13.58 -1.62 -9.14
N GLY A 47 12.28 -1.80 -9.00
CA GLY A 47 11.69 -3.09 -9.16
C GLY A 47 11.71 -3.93 -7.92
N LYS A 48 11.90 -3.32 -6.77
CA LYS A 48 11.93 -4.06 -5.53
C LYS A 48 10.60 -3.97 -4.80
N TYR A 49 10.37 -4.87 -3.88
CA TYR A 49 9.15 -4.88 -3.11
C TYR A 49 9.33 -4.05 -1.85
N PHE A 50 8.37 -3.21 -1.58
CA PHE A 50 8.42 -2.42 -0.38
C PHE A 50 7.04 -2.41 0.27
N ARG A 51 7.00 -2.50 1.57
CA ARG A 51 5.77 -2.42 2.27
C ARG A 51 5.63 -1.04 2.85
N HIS A 52 4.56 -0.39 2.54
CA HIS A 52 4.37 1.00 2.91
C HIS A 52 2.97 1.18 3.44
N LYS A 53 2.82 2.07 4.41
CA LYS A 53 1.52 2.39 4.97
C LYS A 53 0.62 2.96 3.87
N LEU A 54 -0.64 2.64 3.95
CA LEU A 54 -1.62 3.13 3.03
C LEU A 54 -2.37 4.25 3.77
N PRO A 55 -3.23 5.01 3.09
CA PRO A 55 -4.01 6.05 3.75
C PRO A 55 -4.97 5.41 4.74
N ASP A 56 -5.14 6.05 5.87
CA ASP A 56 -5.95 5.52 6.99
C ASP A 56 -7.39 5.21 6.56
N ASP A 57 -7.90 5.95 5.60
CA ASP A 57 -9.26 5.74 5.11
C ASP A 57 -9.31 5.08 3.75
N TYR A 58 -8.22 4.46 3.35
CA TYR A 58 -8.16 3.75 2.08
C TYR A 58 -8.85 2.39 2.17
N PRO A 59 -9.78 2.09 1.26
CA PRO A 59 -10.50 0.83 1.25
C PRO A 59 -9.58 -0.33 0.84
N ILE A 60 -9.43 -1.28 1.72
CA ILE A 60 -8.61 -2.42 1.47
C ILE A 60 -9.45 -3.67 1.32
N MET A 1 -13.34 -10.05 -8.00
CA MET A 1 -12.14 -9.34 -8.45
C MET A 1 -10.95 -10.26 -8.36
N SER A 2 -9.95 -10.03 -9.19
CA SER A 2 -8.73 -10.82 -9.18
C SER A 2 -7.55 -10.03 -9.75
N SER A 3 -7.71 -9.51 -10.94
CA SER A 3 -6.66 -8.76 -11.57
C SER A 3 -7.04 -7.30 -11.64
N GLY A 4 -6.12 -6.44 -11.35
CA GLY A 4 -6.38 -5.03 -11.33
C GLY A 4 -6.32 -4.56 -9.92
N LYS A 5 -7.23 -5.10 -9.09
CA LYS A 5 -7.31 -4.82 -7.64
C LYS A 5 -7.48 -3.30 -7.39
N LYS A 6 -7.21 -2.86 -6.20
CA LYS A 6 -7.32 -1.45 -5.87
C LYS A 6 -5.94 -0.82 -5.78
N PRO A 7 -5.59 0.09 -6.71
CA PRO A 7 -4.33 0.80 -6.68
C PRO A 7 -4.42 2.13 -5.89
N VAL A 8 -3.30 2.61 -5.40
CA VAL A 8 -3.27 3.82 -4.63
C VAL A 8 -2.03 4.65 -5.01
N LYS A 9 -2.09 5.95 -4.81
CA LYS A 9 -0.94 6.78 -4.97
C LYS A 9 -0.03 6.53 -3.79
N VAL A 10 1.11 6.01 -4.06
CA VAL A 10 2.03 5.69 -3.03
C VAL A 10 3.40 6.23 -3.40
N LYS A 11 4.08 6.76 -2.44
CA LYS A 11 5.39 7.25 -2.65
C LYS A 11 6.37 6.18 -2.37
N THR A 12 7.09 5.85 -3.38
CA THR A 12 8.08 4.82 -3.36
C THR A 12 9.25 5.25 -2.48
N PRO A 13 10.09 4.31 -2.01
CA PRO A 13 11.24 4.63 -1.16
C PRO A 13 12.29 5.43 -1.92
N ALA A 14 12.21 5.38 -3.24
CA ALA A 14 13.09 6.14 -4.09
C ALA A 14 12.71 7.62 -4.06
N GLY A 15 11.46 7.90 -3.74
CA GLY A 15 11.02 9.27 -3.60
C GLY A 15 9.93 9.69 -4.56
N LYS A 16 9.68 8.90 -5.59
CA LYS A 16 8.66 9.30 -6.57
C LYS A 16 7.29 8.79 -6.15
N GLU A 17 6.29 9.56 -6.49
CA GLU A 17 4.92 9.23 -6.20
C GLU A 17 4.36 8.49 -7.41
N ALA A 18 3.89 7.30 -7.20
CA ALA A 18 3.36 6.50 -8.29
C ALA A 18 2.07 5.84 -7.86
N GLU A 19 1.28 5.47 -8.82
CA GLU A 19 0.06 4.75 -8.55
C GLU A 19 0.35 3.28 -8.69
N LEU A 20 0.42 2.62 -7.59
CA LEU A 20 0.76 1.23 -7.56
C LEU A 20 -0.31 0.46 -6.82
N VAL A 21 -0.43 -0.78 -7.15
CA VAL A 21 -1.41 -1.62 -6.55
C VAL A 21 -0.74 -2.60 -5.59
N PRO A 22 -1.20 -2.69 -4.35
CA PRO A 22 -0.63 -3.59 -3.38
C PRO A 22 -0.88 -5.06 -3.72
N GLU A 23 0.13 -5.86 -3.54
CA GLU A 23 0.07 -7.27 -3.78
C GLU A 23 -0.68 -7.93 -2.63
N LYS A 24 -0.35 -7.53 -1.45
CA LYS A 24 -0.98 -7.99 -0.25
C LYS A 24 -1.22 -6.79 0.66
N VAL A 25 -2.30 -6.84 1.42
CA VAL A 25 -2.64 -5.77 2.36
C VAL A 25 -2.95 -6.37 3.73
N TRP A 26 -2.60 -5.66 4.76
CA TRP A 26 -2.86 -6.11 6.11
C TRP A 26 -2.97 -4.90 7.03
N ALA A 27 -3.66 -5.05 8.13
CA ALA A 27 -3.85 -3.96 9.06
C ALA A 27 -3.30 -4.30 10.44
N LEU A 28 -2.58 -3.38 11.01
CA LEU A 28 -2.00 -3.51 12.33
C LEU A 28 -2.83 -2.70 13.28
N ALA A 29 -3.37 -3.32 14.27
CA ALA A 29 -4.18 -2.63 15.21
C ALA A 29 -3.40 -2.30 16.48
N PRO A 30 -3.31 -1.02 16.84
CA PRO A 30 -2.71 -0.60 18.10
C PRO A 30 -3.76 -0.65 19.22
N LYS A 31 -4.27 -1.85 19.45
CA LYS A 31 -5.38 -2.12 20.39
C LYS A 31 -6.66 -1.45 19.91
N GLY A 32 -7.00 -1.72 18.68
CA GLY A 32 -8.17 -1.14 18.08
C GLY A 32 -7.84 0.08 17.27
N ARG A 33 -8.39 1.21 17.68
CA ARG A 33 -8.22 2.51 17.04
C ARG A 33 -8.95 2.57 15.70
N LYS A 34 -8.45 1.79 14.76
CA LYS A 34 -9.00 1.67 13.42
C LYS A 34 -8.14 0.69 12.67
N GLY A 35 -6.84 0.88 12.78
CA GLY A 35 -5.91 -0.01 12.17
C GLY A 35 -4.99 0.70 11.21
N VAL A 36 -3.73 0.43 11.33
CA VAL A 36 -2.74 0.96 10.44
C VAL A 36 -2.67 0.01 9.27
N LYS A 37 -2.97 0.49 8.11
CA LYS A 37 -3.08 -0.36 6.95
C LYS A 37 -1.81 -0.33 6.17
N ILE A 38 -1.24 -1.48 5.92
CA ILE A 38 -0.01 -1.54 5.17
C ILE A 38 -0.18 -2.45 3.98
N GLY A 39 0.35 -2.02 2.86
CA GLY A 39 0.31 -2.82 1.68
C GLY A 39 1.70 -3.01 1.14
N LEU A 40 1.92 -4.14 0.52
CA LEU A 40 3.19 -4.43 -0.09
C LEU A 40 3.10 -4.16 -1.58
N PHE A 41 4.00 -3.36 -2.06
CA PHE A 41 4.02 -2.92 -3.43
C PHE A 41 5.30 -3.35 -4.09
N LYS A 42 5.36 -3.22 -5.39
CA LYS A 42 6.55 -3.43 -6.15
C LYS A 42 6.74 -2.27 -7.10
N ASP A 43 7.84 -1.57 -6.95
CA ASP A 43 8.13 -0.43 -7.80
C ASP A 43 8.65 -0.92 -9.13
N PRO A 44 8.01 -0.55 -10.24
CA PRO A 44 8.39 -1.03 -11.57
C PRO A 44 9.68 -0.42 -12.11
N GLU A 45 10.14 0.64 -11.48
CA GLU A 45 11.29 1.35 -11.97
C GLU A 45 12.58 0.85 -11.31
N THR A 46 12.56 0.70 -10.01
CA THR A 46 13.68 0.13 -9.31
C THR A 46 13.59 -1.39 -9.37
N GLY A 47 12.38 -1.89 -9.29
CA GLY A 47 12.13 -3.29 -9.43
C GLY A 47 12.14 -4.04 -8.13
N LYS A 48 11.86 -3.37 -7.04
CA LYS A 48 11.83 -4.05 -5.76
C LYS A 48 10.51 -3.88 -5.06
N TYR A 49 10.27 -4.72 -4.09
CA TYR A 49 9.06 -4.68 -3.30
C TYR A 49 9.28 -3.83 -2.07
N PHE A 50 8.27 -3.10 -1.68
CA PHE A 50 8.33 -2.30 -0.50
C PHE A 50 6.97 -2.25 0.13
N ARG A 51 6.91 -2.32 1.43
CA ARG A 51 5.67 -2.15 2.12
C ARG A 51 5.56 -0.70 2.54
N HIS A 52 4.37 -0.18 2.46
CA HIS A 52 4.11 1.19 2.84
C HIS A 52 2.72 1.24 3.40
N LYS A 53 2.46 2.14 4.34
CA LYS A 53 1.13 2.19 4.88
C LYS A 53 0.19 2.92 3.94
N LEU A 54 -1.00 2.47 3.92
CA LEU A 54 -2.02 2.99 3.08
C LEU A 54 -2.81 3.99 3.93
N PRO A 55 -3.75 4.73 3.36
CA PRO A 55 -4.61 5.59 4.15
C PRO A 55 -5.51 4.74 5.04
N ASP A 56 -5.76 5.20 6.23
CA ASP A 56 -6.59 4.47 7.18
C ASP A 56 -8.02 4.33 6.69
N ASP A 57 -8.43 5.22 5.82
CA ASP A 57 -9.78 5.21 5.28
C ASP A 57 -9.89 4.32 4.05
N TYR A 58 -8.74 3.94 3.52
CA TYR A 58 -8.65 3.13 2.30
C TYR A 58 -9.27 1.76 2.56
N PRO A 59 -10.30 1.37 1.79
CA PRO A 59 -11.00 0.13 2.03
C PRO A 59 -10.25 -1.07 1.48
N ILE A 60 -9.71 -1.85 2.37
CA ILE A 60 -9.01 -3.04 2.01
C ILE A 60 -9.93 -4.23 2.22
N MET A 1 -9.25 0.17 -10.41
CA MET A 1 -9.86 -1.15 -10.57
C MET A 1 -9.69 -1.95 -9.31
N SER A 2 -10.70 -2.68 -8.95
CA SER A 2 -10.66 -3.51 -7.78
C SER A 2 -10.49 -4.98 -8.18
N SER A 3 -9.57 -5.63 -7.51
CA SER A 3 -9.33 -7.06 -7.66
C SER A 3 -8.90 -7.54 -6.28
N GLY A 4 -9.63 -7.08 -5.28
CA GLY A 4 -9.26 -7.25 -3.90
C GLY A 4 -8.30 -6.15 -3.56
N LYS A 5 -7.15 -6.25 -4.19
CA LYS A 5 -6.14 -5.25 -4.17
C LYS A 5 -6.49 -4.23 -5.25
N LYS A 6 -6.09 -3.02 -5.04
CA LYS A 6 -6.41 -1.92 -5.92
C LYS A 6 -5.34 -0.82 -5.85
N PRO A 7 -4.95 -0.25 -7.00
CA PRO A 7 -3.92 0.80 -7.06
C PRO A 7 -4.25 2.04 -6.23
N VAL A 8 -3.22 2.57 -5.60
CA VAL A 8 -3.32 3.77 -4.80
C VAL A 8 -2.08 4.63 -5.09
N LYS A 9 -2.23 5.93 -4.96
CA LYS A 9 -1.13 6.86 -5.17
C LYS A 9 -0.22 6.76 -3.94
N VAL A 10 0.95 6.20 -4.12
CA VAL A 10 1.86 5.92 -3.03
C VAL A 10 3.28 6.35 -3.40
N LYS A 11 4.09 6.67 -2.40
CA LYS A 11 5.48 7.00 -2.60
C LYS A 11 6.33 5.74 -2.57
N THR A 12 7.20 5.63 -3.52
CA THR A 12 8.01 4.47 -3.67
C THR A 12 9.43 4.75 -3.13
N PRO A 13 10.32 3.71 -3.04
CA PRO A 13 11.69 3.89 -2.57
C PRO A 13 12.56 4.65 -3.59
N ALA A 14 12.01 4.84 -4.78
CA ALA A 14 12.67 5.57 -5.85
C ALA A 14 12.57 7.08 -5.60
N GLY A 15 11.82 7.45 -4.56
CA GLY A 15 11.69 8.83 -4.18
C GLY A 15 10.69 9.55 -5.03
N LYS A 16 9.67 8.84 -5.42
CA LYS A 16 8.65 9.39 -6.26
C LYS A 16 7.33 8.83 -5.85
N GLU A 17 6.28 9.39 -6.36
CA GLU A 17 4.95 8.95 -6.05
C GLU A 17 4.25 8.53 -7.31
N ALA A 18 3.66 7.37 -7.28
CA ALA A 18 2.99 6.81 -8.42
C ALA A 18 1.85 5.96 -7.93
N GLU A 19 0.95 5.61 -8.80
CA GLU A 19 -0.14 4.76 -8.45
C GLU A 19 0.26 3.31 -8.63
N LEU A 20 0.39 2.63 -7.54
CA LEU A 20 0.80 1.25 -7.54
C LEU A 20 -0.25 0.41 -6.86
N VAL A 21 -0.33 -0.82 -7.25
CA VAL A 21 -1.26 -1.73 -6.66
C VAL A 21 -0.53 -2.62 -5.65
N PRO A 22 -1.00 -2.65 -4.41
CA PRO A 22 -0.41 -3.48 -3.38
C PRO A 22 -0.70 -4.94 -3.66
N GLU A 23 0.33 -5.74 -3.60
CA GLU A 23 0.26 -7.14 -3.87
C GLU A 23 -0.46 -7.85 -2.72
N LYS A 24 -0.23 -7.33 -1.55
CA LYS A 24 -0.80 -7.86 -0.34
C LYS A 24 -1.10 -6.70 0.57
N VAL A 25 -2.18 -6.79 1.31
CA VAL A 25 -2.60 -5.76 2.25
C VAL A 25 -2.88 -6.38 3.60
N TRP A 26 -2.49 -5.71 4.65
CA TRP A 26 -2.74 -6.17 6.00
C TRP A 26 -2.93 -5.00 6.95
N ALA A 27 -3.76 -5.21 7.94
CA ALA A 27 -4.08 -4.18 8.89
C ALA A 27 -3.37 -4.44 10.20
N LEU A 28 -2.73 -3.43 10.69
CA LEU A 28 -2.05 -3.45 11.95
C LEU A 28 -2.87 -2.64 12.89
N ALA A 29 -3.79 -3.27 13.55
CA ALA A 29 -4.66 -2.59 14.46
C ALA A 29 -4.50 -3.13 15.86
N PRO A 30 -3.51 -2.63 16.59
CA PRO A 30 -3.32 -3.00 17.97
C PRO A 30 -4.36 -2.29 18.80
N LYS A 31 -5.10 -3.04 19.57
CA LYS A 31 -6.15 -2.48 20.40
C LYS A 31 -5.49 -1.51 21.40
N GLY A 32 -5.68 -0.23 21.16
CA GLY A 32 -5.07 0.77 21.98
C GLY A 32 -4.22 1.73 21.17
N ARG A 33 -3.95 1.37 19.93
CA ARG A 33 -3.18 2.22 19.03
C ARG A 33 -4.08 2.88 17.99
N LYS A 34 -3.45 3.57 17.05
CA LYS A 34 -4.14 4.28 15.99
C LYS A 34 -4.74 3.24 15.03
N GLY A 35 -3.93 2.31 14.62
CA GLY A 35 -4.37 1.27 13.73
C GLY A 35 -4.10 1.66 12.31
N VAL A 36 -3.09 1.08 11.74
CA VAL A 36 -2.66 1.44 10.41
C VAL A 36 -2.82 0.28 9.44
N LYS A 37 -2.75 0.60 8.18
CA LYS A 37 -2.85 -0.36 7.12
C LYS A 37 -1.55 -0.37 6.35
N ILE A 38 -1.09 -1.52 5.96
CA ILE A 38 0.12 -1.62 5.18
C ILE A 38 -0.11 -2.50 3.98
N GLY A 39 0.42 -2.09 2.87
CA GLY A 39 0.34 -2.86 1.67
C GLY A 39 1.70 -3.04 1.10
N LEU A 40 1.94 -4.17 0.50
CA LEU A 40 3.21 -4.46 -0.11
C LEU A 40 3.15 -4.11 -1.57
N PHE A 41 4.02 -3.25 -1.98
CA PHE A 41 4.05 -2.78 -3.34
C PHE A 41 5.33 -3.23 -4.01
N LYS A 42 5.42 -3.00 -5.28
CA LYS A 42 6.62 -3.27 -6.04
C LYS A 42 6.93 -2.04 -6.83
N ASP A 43 8.06 -1.43 -6.55
CA ASP A 43 8.49 -0.25 -7.27
C ASP A 43 8.89 -0.65 -8.69
N PRO A 44 8.38 0.05 -9.70
CA PRO A 44 8.62 -0.30 -11.09
C PRO A 44 10.07 -0.05 -11.58
N GLU A 45 10.78 0.84 -10.94
CA GLU A 45 12.09 1.22 -11.43
C GLU A 45 13.23 0.50 -10.73
N THR A 46 13.09 0.29 -9.45
CA THR A 46 14.06 -0.46 -8.72
C THR A 46 13.70 -1.94 -8.80
N GLY A 47 12.41 -2.20 -8.78
CA GLY A 47 11.90 -3.54 -8.86
C GLY A 47 11.70 -4.16 -7.52
N LYS A 48 12.00 -3.43 -6.49
CA LYS A 48 11.95 -3.97 -5.15
C LYS A 48 10.55 -3.88 -4.56
N TYR A 49 10.19 -4.88 -3.80
CA TYR A 49 8.95 -4.89 -3.08
C TYR A 49 9.12 -4.15 -1.79
N PHE A 50 8.25 -3.22 -1.52
CA PHE A 50 8.34 -2.44 -0.31
C PHE A 50 6.96 -2.38 0.32
N ARG A 51 6.90 -2.49 1.62
CA ARG A 51 5.65 -2.37 2.28
C ARG A 51 5.47 -0.93 2.71
N HIS A 52 4.32 -0.39 2.45
CA HIS A 52 4.08 1.00 2.77
C HIS A 52 2.70 1.13 3.39
N LYS A 53 2.58 2.08 4.28
CA LYS A 53 1.33 2.38 4.95
C LYS A 53 0.31 2.88 3.92
N LEU A 54 -0.90 2.44 4.07
CA LEU A 54 -1.96 2.81 3.18
C LEU A 54 -2.82 3.88 3.86
N PRO A 55 -3.75 4.50 3.14
CA PRO A 55 -4.67 5.47 3.72
C PRO A 55 -5.62 4.75 4.68
N ASP A 56 -6.03 5.43 5.73
CA ASP A 56 -6.94 4.86 6.73
C ASP A 56 -8.27 4.54 6.12
N ASP A 57 -8.65 5.35 5.17
CA ASP A 57 -9.93 5.24 4.49
C ASP A 57 -9.86 4.31 3.28
N TYR A 58 -8.75 3.63 3.11
CA TYR A 58 -8.59 2.68 2.04
C TYR A 58 -9.20 1.34 2.47
N PRO A 59 -10.27 0.89 1.79
CA PRO A 59 -10.98 -0.30 2.18
C PRO A 59 -10.26 -1.58 1.80
N ILE A 60 -9.91 -2.35 2.79
CA ILE A 60 -9.26 -3.61 2.61
C ILE A 60 -10.12 -4.73 3.15
N MET A 1 -12.79 -9.57 -12.22
CA MET A 1 -13.31 -9.26 -10.87
C MET A 1 -12.29 -8.45 -10.08
N SER A 2 -11.50 -9.11 -9.23
CA SER A 2 -10.49 -8.41 -8.46
C SER A 2 -9.19 -8.33 -9.26
N SER A 3 -9.20 -8.99 -10.39
CA SER A 3 -8.14 -8.99 -11.35
C SER A 3 -7.82 -7.55 -11.77
N GLY A 4 -6.60 -7.16 -11.56
CA GLY A 4 -6.18 -5.81 -11.85
C GLY A 4 -5.96 -5.08 -10.55
N LYS A 5 -6.82 -5.42 -9.58
CA LYS A 5 -6.84 -4.89 -8.24
C LYS A 5 -7.07 -3.38 -8.24
N LYS A 6 -6.76 -2.74 -7.15
CA LYS A 6 -6.96 -1.33 -7.01
C LYS A 6 -5.69 -0.64 -6.55
N PRO A 7 -5.04 0.11 -7.44
CA PRO A 7 -3.83 0.82 -7.09
C PRO A 7 -4.13 2.05 -6.23
N VAL A 8 -3.13 2.49 -5.53
CA VAL A 8 -3.25 3.62 -4.68
C VAL A 8 -2.07 4.54 -4.96
N LYS A 9 -2.26 5.82 -4.75
CA LYS A 9 -1.20 6.77 -4.92
C LYS A 9 -0.26 6.64 -3.74
N VAL A 10 0.88 6.13 -3.99
CA VAL A 10 1.82 5.86 -2.97
C VAL A 10 3.18 6.37 -3.39
N LYS A 11 3.97 6.75 -2.44
CA LYS A 11 5.30 7.17 -2.73
C LYS A 11 6.22 5.99 -2.80
N THR A 12 6.92 5.93 -3.86
CA THR A 12 7.84 4.88 -4.20
C THR A 12 9.13 4.99 -3.36
N PRO A 13 10.03 3.96 -3.39
CA PRO A 13 11.32 4.03 -2.70
C PRO A 13 12.22 5.08 -3.33
N ALA A 14 11.86 5.49 -4.54
CA ALA A 14 12.56 6.54 -5.24
C ALA A 14 12.17 7.90 -4.63
N GLY A 15 11.04 7.93 -3.95
CA GLY A 15 10.61 9.12 -3.27
C GLY A 15 9.63 9.93 -4.08
N LYS A 16 9.11 9.33 -5.13
CA LYS A 16 8.19 10.03 -6.00
C LYS A 16 6.81 9.38 -5.96
N GLU A 17 5.82 10.07 -6.48
CA GLU A 17 4.45 9.63 -6.43
C GLU A 17 4.13 8.76 -7.63
N ALA A 18 3.41 7.69 -7.39
CA ALA A 18 2.94 6.81 -8.45
C ALA A 18 1.79 5.98 -7.93
N GLU A 19 0.94 5.53 -8.81
CA GLU A 19 -0.12 4.65 -8.42
C GLU A 19 0.35 3.24 -8.54
N LEU A 20 0.61 2.63 -7.42
CA LEU A 20 1.07 1.29 -7.38
C LEU A 20 0.00 0.37 -6.88
N VAL A 21 -0.11 -0.76 -7.49
CA VAL A 21 -1.08 -1.74 -7.12
C VAL A 21 -0.50 -2.74 -6.10
N PRO A 22 -1.09 -2.77 -4.88
CA PRO A 22 -0.61 -3.61 -3.79
C PRO A 22 -0.91 -5.09 -3.98
N GLU A 23 0.07 -5.89 -3.69
CA GLU A 23 -0.02 -7.32 -3.81
C GLU A 23 -0.66 -7.90 -2.57
N LYS A 24 -0.28 -7.38 -1.45
CA LYS A 24 -0.79 -7.82 -0.18
C LYS A 24 -1.25 -6.60 0.56
N VAL A 25 -2.32 -6.70 1.30
CA VAL A 25 -2.78 -5.60 2.12
C VAL A 25 -3.14 -6.12 3.51
N TRP A 26 -2.77 -5.39 4.53
CA TRP A 26 -3.06 -5.79 5.88
C TRP A 26 -3.19 -4.57 6.76
N ALA A 27 -3.76 -4.75 7.92
CA ALA A 27 -3.92 -3.68 8.86
C ALA A 27 -3.58 -4.14 10.25
N LEU A 28 -2.80 -3.35 10.94
CA LEU A 28 -2.44 -3.61 12.30
C LEU A 28 -3.41 -2.89 13.20
N ALA A 29 -4.41 -3.61 13.64
CA ALA A 29 -5.42 -3.08 14.51
C ALA A 29 -5.62 -4.06 15.64
N PRO A 30 -5.08 -3.77 16.83
CA PRO A 30 -5.23 -4.64 18.01
C PRO A 30 -6.70 -4.81 18.38
N LYS A 31 -7.37 -3.69 18.63
CA LYS A 31 -8.80 -3.66 18.89
C LYS A 31 -9.28 -2.23 18.87
N GLY A 32 -8.79 -1.45 19.83
CA GLY A 32 -9.24 -0.09 20.00
C GLY A 32 -8.36 0.91 19.28
N ARG A 33 -8.10 0.63 18.04
CA ARG A 33 -7.34 1.50 17.19
C ARG A 33 -7.94 1.45 15.82
N LYS A 34 -7.77 2.51 15.08
CA LYS A 34 -8.27 2.62 13.72
C LYS A 34 -7.57 1.62 12.82
N GLY A 35 -6.33 1.37 13.11
CA GLY A 35 -5.61 0.38 12.39
C GLY A 35 -4.62 0.97 11.44
N VAL A 36 -3.41 0.49 11.49
CA VAL A 36 -2.38 0.91 10.59
C VAL A 36 -2.41 0.00 9.37
N LYS A 37 -2.90 0.52 8.27
CA LYS A 37 -2.99 -0.24 7.03
C LYS A 37 -1.66 -0.19 6.30
N ILE A 38 -1.18 -1.32 5.87
CA ILE A 38 0.08 -1.42 5.15
C ILE A 38 -0.13 -2.35 3.96
N GLY A 39 0.52 -2.03 2.87
CA GLY A 39 0.42 -2.85 1.70
C GLY A 39 1.77 -3.12 1.13
N LEU A 40 1.93 -4.24 0.49
CA LEU A 40 3.18 -4.61 -0.11
C LEU A 40 3.14 -4.28 -1.59
N PHE A 41 4.07 -3.48 -2.01
CA PHE A 41 4.14 -2.99 -3.37
C PHE A 41 5.45 -3.42 -4.00
N LYS A 42 5.52 -3.25 -5.30
CA LYS A 42 6.72 -3.50 -6.04
C LYS A 42 6.98 -2.27 -6.85
N ASP A 43 8.12 -1.67 -6.65
CA ASP A 43 8.50 -0.51 -7.42
C ASP A 43 8.94 -1.00 -8.79
N PRO A 44 8.34 -0.52 -9.87
CA PRO A 44 8.63 -1.04 -11.22
C PRO A 44 9.98 -0.61 -11.76
N GLU A 45 10.52 0.43 -11.21
CA GLU A 45 11.76 0.96 -11.72
C GLU A 45 12.96 0.38 -11.02
N THR A 46 12.91 0.32 -9.72
CA THR A 46 13.99 -0.27 -8.97
C THR A 46 13.81 -1.80 -8.94
N GLY A 47 12.56 -2.23 -8.97
CA GLY A 47 12.24 -3.62 -9.04
C GLY A 47 11.95 -4.25 -7.70
N LYS A 48 12.19 -3.53 -6.64
CA LYS A 48 12.08 -4.13 -5.32
C LYS A 48 10.69 -3.99 -4.71
N TYR A 49 10.39 -4.91 -3.83
CA TYR A 49 9.16 -4.91 -3.09
C TYR A 49 9.34 -4.17 -1.80
N PHE A 50 8.42 -3.30 -1.53
CA PHE A 50 8.47 -2.55 -0.31
C PHE A 50 7.10 -2.53 0.30
N ARG A 51 7.02 -2.65 1.59
CA ARG A 51 5.78 -2.55 2.26
C ARG A 51 5.62 -1.14 2.75
N HIS A 52 4.55 -0.53 2.41
CA HIS A 52 4.34 0.86 2.68
C HIS A 52 3.00 1.03 3.32
N LYS A 53 2.91 1.95 4.24
CA LYS A 53 1.67 2.23 4.91
C LYS A 53 0.67 2.81 3.91
N LEU A 54 -0.56 2.47 4.07
CA LEU A 54 -1.61 2.93 3.21
C LEU A 54 -2.38 4.04 3.92
N PRO A 55 -3.24 4.77 3.20
CA PRO A 55 -4.08 5.79 3.79
C PRO A 55 -5.10 5.14 4.74
N ASP A 56 -5.42 5.80 5.82
CA ASP A 56 -6.38 5.27 6.81
C ASP A 56 -7.71 4.89 6.21
N ASP A 57 -8.19 5.73 5.33
CA ASP A 57 -9.52 5.59 4.74
C ASP A 57 -9.47 4.73 3.47
N TYR A 58 -8.31 4.17 3.17
CA TYR A 58 -8.18 3.35 1.98
C TYR A 58 -8.86 2.00 2.20
N PRO A 59 -9.78 1.61 1.32
CA PRO A 59 -10.46 0.35 1.42
C PRO A 59 -9.55 -0.77 0.95
N ILE A 60 -9.19 -1.62 1.88
CA ILE A 60 -8.33 -2.72 1.57
C ILE A 60 -9.12 -3.96 1.22
N MET A 1 -4.50 -4.11 -15.93
CA MET A 1 -5.24 -3.98 -17.19
C MET A 1 -6.65 -4.53 -17.02
N SER A 2 -6.76 -5.78 -16.61
CA SER A 2 -8.06 -6.37 -16.34
C SER A 2 -7.98 -7.24 -15.08
N SER A 3 -6.97 -6.98 -14.27
CA SER A 3 -6.75 -7.68 -13.05
C SER A 3 -7.65 -7.13 -11.95
N GLY A 4 -7.97 -5.87 -12.04
CA GLY A 4 -8.80 -5.24 -11.06
C GLY A 4 -7.96 -4.59 -10.01
N LYS A 5 -8.21 -4.96 -8.74
CA LYS A 5 -7.46 -4.45 -7.58
C LYS A 5 -7.71 -2.95 -7.36
N LYS A 6 -7.07 -2.40 -6.36
CA LYS A 6 -7.20 -0.98 -6.05
C LYS A 6 -5.82 -0.32 -5.92
N PRO A 7 -5.43 0.48 -6.92
CA PRO A 7 -4.19 1.21 -6.87
C PRO A 7 -4.33 2.48 -6.04
N VAL A 8 -3.21 2.96 -5.54
CA VAL A 8 -3.19 4.15 -4.75
C VAL A 8 -1.93 4.93 -5.11
N LYS A 9 -1.99 6.25 -5.03
CA LYS A 9 -0.82 7.05 -5.23
C LYS A 9 0.09 6.86 -4.05
N VAL A 10 1.19 6.23 -4.26
CA VAL A 10 2.08 5.94 -3.19
C VAL A 10 3.48 6.38 -3.55
N LYS A 11 4.15 6.98 -2.62
CA LYS A 11 5.49 7.43 -2.84
C LYS A 11 6.45 6.27 -2.64
N THR A 12 7.23 6.00 -3.64
CA THR A 12 8.08 4.87 -3.63
C THR A 12 9.47 5.26 -3.10
N PRO A 13 10.30 4.25 -2.74
CA PRO A 13 11.67 4.49 -2.26
C PRO A 13 12.54 5.19 -3.31
N ALA A 14 12.22 5.00 -4.59
CA ALA A 14 12.96 5.63 -5.66
C ALA A 14 12.72 7.14 -5.70
N GLY A 15 11.57 7.58 -5.21
CA GLY A 15 11.34 9.01 -5.14
C GLY A 15 10.09 9.49 -5.85
N LYS A 16 9.48 8.66 -6.65
CA LYS A 16 8.31 9.11 -7.38
C LYS A 16 7.06 8.62 -6.69
N GLU A 17 5.98 9.32 -6.89
CA GLU A 17 4.74 8.92 -6.33
C GLU A 17 3.82 8.55 -7.46
N ALA A 18 3.62 7.28 -7.61
CA ALA A 18 2.85 6.75 -8.70
C ALA A 18 1.74 5.91 -8.14
N GLU A 19 0.78 5.59 -8.97
CA GLU A 19 -0.29 4.75 -8.53
C GLU A 19 0.14 3.31 -8.64
N LEU A 20 0.44 2.74 -7.53
CA LEU A 20 0.83 1.37 -7.47
C LEU A 20 -0.26 0.61 -6.79
N VAL A 21 -0.32 -0.64 -7.03
CA VAL A 21 -1.30 -1.44 -6.43
C VAL A 21 -0.66 -2.39 -5.42
N PRO A 22 -1.19 -2.44 -4.19
CA PRO A 22 -0.68 -3.34 -3.18
C PRO A 22 -1.14 -4.77 -3.45
N GLU A 23 -0.17 -5.62 -3.55
CA GLU A 23 -0.35 -7.03 -3.82
C GLU A 23 -0.89 -7.76 -2.62
N LYS A 24 -0.48 -7.34 -1.47
CA LYS A 24 -0.94 -7.91 -0.24
C LYS A 24 -1.27 -6.77 0.69
N VAL A 25 -2.39 -6.86 1.39
CA VAL A 25 -2.80 -5.82 2.32
C VAL A 25 -3.07 -6.41 3.71
N TRP A 26 -2.66 -5.71 4.73
CA TRP A 26 -2.88 -6.14 6.10
C TRP A 26 -3.00 -4.95 7.02
N ALA A 27 -3.68 -5.12 8.12
CA ALA A 27 -3.87 -4.05 9.07
C ALA A 27 -3.24 -4.39 10.41
N LEU A 28 -2.58 -3.44 10.98
CA LEU A 28 -1.97 -3.57 12.27
C LEU A 28 -2.77 -2.76 13.24
N ALA A 29 -3.61 -3.40 13.99
CA ALA A 29 -4.44 -2.73 14.95
C ALA A 29 -3.97 -3.01 16.38
N PRO A 30 -3.16 -2.12 16.96
CA PRO A 30 -2.70 -2.27 18.32
C PRO A 30 -3.77 -1.81 19.28
N LYS A 31 -3.73 -2.31 20.47
CA LYS A 31 -4.73 -1.98 21.45
C LYS A 31 -4.53 -0.57 21.95
N GLY A 32 -5.59 0.20 21.90
CA GLY A 32 -5.53 1.58 22.29
C GLY A 32 -5.42 2.49 21.08
N ARG A 33 -5.07 1.92 19.95
CA ARG A 33 -4.88 2.69 18.74
C ARG A 33 -5.86 2.27 17.68
N LYS A 34 -6.10 3.14 16.71
CA LYS A 34 -7.04 2.86 15.63
C LYS A 34 -6.51 1.77 14.70
N GLY A 35 -5.22 1.73 14.53
CA GLY A 35 -4.63 0.79 13.67
C GLY A 35 -4.13 1.43 12.39
N VAL A 36 -3.28 0.72 11.70
CA VAL A 36 -2.73 1.17 10.44
C VAL A 36 -2.92 0.10 9.40
N LYS A 37 -2.92 0.50 8.17
CA LYS A 37 -3.06 -0.42 7.06
C LYS A 37 -1.76 -0.41 6.31
N ILE A 38 -1.28 -1.55 5.90
CA ILE A 38 -0.03 -1.64 5.16
C ILE A 38 -0.23 -2.56 3.98
N GLY A 39 0.37 -2.19 2.87
CA GLY A 39 0.29 -2.98 1.70
C GLY A 39 1.65 -3.18 1.12
N LEU A 40 1.83 -4.28 0.45
CA LEU A 40 3.07 -4.60 -0.18
C LEU A 40 3.04 -4.17 -1.64
N PHE A 41 4.01 -3.38 -2.01
CA PHE A 41 4.13 -2.83 -3.35
C PHE A 41 5.48 -3.21 -3.91
N LYS A 42 5.74 -2.78 -5.12
CA LYS A 42 7.04 -2.94 -5.74
C LYS A 42 7.44 -1.64 -6.36
N ASP A 43 8.66 -1.21 -6.12
CA ASP A 43 9.17 0.02 -6.67
C ASP A 43 9.61 -0.25 -8.09
N PRO A 44 9.04 0.47 -9.05
CA PRO A 44 9.31 0.24 -10.46
C PRO A 44 10.68 0.74 -10.95
N GLU A 45 11.39 1.49 -10.14
CA GLU A 45 12.67 2.02 -10.57
C GLU A 45 13.84 1.19 -10.04
N THR A 46 13.75 0.79 -8.81
CA THR A 46 14.79 -0.02 -8.20
C THR A 46 14.49 -1.52 -8.36
N GLY A 47 13.22 -1.84 -8.49
CA GLY A 47 12.80 -3.21 -8.69
C GLY A 47 12.75 -4.01 -7.42
N LYS A 48 12.44 -3.35 -6.33
CA LYS A 48 12.35 -4.03 -5.06
C LYS A 48 10.95 -3.88 -4.47
N TYR A 49 10.50 -4.90 -3.79
CA TYR A 49 9.22 -4.89 -3.14
C TYR A 49 9.33 -4.15 -1.83
N PHE A 50 8.35 -3.34 -1.53
CA PHE A 50 8.36 -2.60 -0.30
C PHE A 50 6.98 -2.54 0.28
N ARG A 51 6.88 -2.67 1.57
CA ARG A 51 5.63 -2.50 2.23
C ARG A 51 5.51 -1.07 2.69
N HIS A 52 4.36 -0.50 2.51
CA HIS A 52 4.12 0.88 2.85
C HIS A 52 2.72 0.99 3.42
N LYS A 53 2.53 1.89 4.35
CA LYS A 53 1.23 2.08 4.96
C LYS A 53 0.25 2.67 3.95
N LEU A 54 -0.96 2.25 4.05
CA LEU A 54 -2.00 2.65 3.15
C LEU A 54 -2.86 3.69 3.85
N PRO A 55 -3.76 4.36 3.11
CA PRO A 55 -4.69 5.31 3.70
C PRO A 55 -5.68 4.58 4.60
N ASP A 56 -6.19 5.26 5.61
CA ASP A 56 -7.18 4.68 6.50
C ASP A 56 -8.45 4.38 5.75
N ASP A 57 -8.75 5.25 4.81
CA ASP A 57 -9.97 5.16 4.02
C ASP A 57 -9.79 4.18 2.84
N TYR A 58 -8.67 3.50 2.81
CA TYR A 58 -8.43 2.55 1.76
C TYR A 58 -9.08 1.21 2.10
N PRO A 59 -9.97 0.71 1.23
CA PRO A 59 -10.66 -0.52 1.45
C PRO A 59 -9.79 -1.72 1.17
N ILE A 60 -9.23 -2.28 2.21
CA ILE A 60 -8.40 -3.43 2.08
C ILE A 60 -9.25 -4.68 2.05
N MET A 1 -9.10 -12.32 -14.55
CA MET A 1 -8.18 -11.21 -14.32
C MET A 1 -7.67 -11.22 -12.88
N SER A 2 -8.58 -11.38 -11.93
CA SER A 2 -8.29 -11.40 -10.51
C SER A 2 -7.70 -10.07 -10.03
N SER A 3 -8.54 -9.10 -9.93
CA SER A 3 -8.15 -7.81 -9.47
C SER A 3 -9.22 -7.19 -8.59
N GLY A 4 -9.37 -7.77 -7.42
CA GLY A 4 -10.28 -7.23 -6.44
C GLY A 4 -9.52 -6.33 -5.53
N LYS A 5 -8.84 -5.38 -6.14
CA LYS A 5 -7.97 -4.47 -5.48
C LYS A 5 -8.17 -3.10 -6.07
N LYS A 6 -7.35 -2.18 -5.66
CA LYS A 6 -7.38 -0.83 -6.13
C LYS A 6 -5.95 -0.31 -6.01
N PRO A 7 -5.44 0.38 -7.03
CA PRO A 7 -4.14 1.01 -6.95
C PRO A 7 -4.19 2.32 -6.16
N VAL A 8 -3.18 2.57 -5.40
CA VAL A 8 -3.15 3.75 -4.57
C VAL A 8 -1.94 4.58 -4.94
N LYS A 9 -2.07 5.89 -4.78
CA LYS A 9 -0.95 6.76 -4.97
C LYS A 9 -0.04 6.61 -3.76
N VAL A 10 1.08 5.99 -3.98
CA VAL A 10 2.00 5.72 -2.91
C VAL A 10 3.39 6.21 -3.30
N LYS A 11 4.09 6.75 -2.34
CA LYS A 11 5.42 7.26 -2.55
C LYS A 11 6.39 6.11 -2.57
N THR A 12 7.00 5.93 -3.69
CA THR A 12 7.91 4.86 -3.92
C THR A 12 9.31 5.25 -3.41
N PRO A 13 10.24 4.28 -3.24
CA PRO A 13 11.61 4.56 -2.80
C PRO A 13 12.36 5.38 -3.84
N ALA A 14 11.83 5.40 -5.06
CA ALA A 14 12.40 6.17 -6.14
C ALA A 14 12.12 7.67 -5.95
N GLY A 15 11.15 7.98 -5.09
CA GLY A 15 10.88 9.36 -4.76
C GLY A 15 9.73 9.99 -5.53
N LYS A 16 8.73 9.20 -5.89
CA LYS A 16 7.56 9.74 -6.58
C LYS A 16 6.33 9.04 -6.09
N GLU A 17 5.21 9.73 -6.08
CA GLU A 17 3.98 9.14 -5.66
C GLU A 17 3.25 8.57 -6.87
N ALA A 18 3.49 7.31 -7.10
CA ALA A 18 2.94 6.61 -8.24
C ALA A 18 1.78 5.75 -7.80
N GLU A 19 0.95 5.38 -8.72
CA GLU A 19 -0.18 4.55 -8.41
C GLU A 19 0.17 3.11 -8.58
N LEU A 20 0.35 2.45 -7.49
CA LEU A 20 0.74 1.08 -7.48
C LEU A 20 -0.36 0.26 -6.82
N VAL A 21 -0.60 -0.91 -7.35
CA VAL A 21 -1.56 -1.78 -6.76
C VAL A 21 -0.83 -2.77 -5.84
N PRO A 22 -1.24 -2.85 -4.57
CA PRO A 22 -0.56 -3.72 -3.60
C PRO A 22 -0.71 -5.22 -3.89
N GLU A 23 0.36 -5.94 -3.65
CA GLU A 23 0.42 -7.37 -3.76
C GLU A 23 -0.42 -7.97 -2.66
N LYS A 24 -0.20 -7.45 -1.49
CA LYS A 24 -0.86 -7.87 -0.31
C LYS A 24 -1.12 -6.64 0.53
N VAL A 25 -2.23 -6.62 1.21
CA VAL A 25 -2.56 -5.55 2.12
C VAL A 25 -2.86 -6.15 3.48
N TRP A 26 -2.64 -5.38 4.52
CA TRP A 26 -2.93 -5.80 5.86
C TRP A 26 -3.12 -4.60 6.75
N ALA A 27 -3.88 -4.76 7.80
CA ALA A 27 -4.13 -3.68 8.71
C ALA A 27 -3.79 -4.08 10.13
N LEU A 28 -2.95 -3.30 10.73
CA LEU A 28 -2.58 -3.51 12.09
C LEU A 28 -3.55 -2.75 12.96
N ALA A 29 -4.63 -3.40 13.27
CA ALA A 29 -5.66 -2.84 14.09
C ALA A 29 -6.15 -3.88 15.06
N PRO A 30 -5.67 -3.84 16.32
CA PRO A 30 -6.18 -4.72 17.35
C PRO A 30 -7.58 -4.26 17.74
N LYS A 31 -7.62 -3.07 18.32
CA LYS A 31 -8.80 -2.31 18.64
C LYS A 31 -8.32 -1.11 19.40
N GLY A 32 -9.00 0.00 19.25
CA GLY A 32 -8.64 1.22 19.96
C GLY A 32 -7.56 1.98 19.21
N ARG A 33 -7.07 1.40 18.15
CA ARG A 33 -6.03 2.00 17.34
C ARG A 33 -6.69 2.48 16.06
N LYS A 34 -6.16 3.54 15.46
CA LYS A 34 -6.71 4.08 14.22
C LYS A 34 -6.74 3.01 13.12
N GLY A 35 -5.70 2.20 13.08
CA GLY A 35 -5.64 1.11 12.12
C GLY A 35 -4.58 1.34 11.10
N VAL A 36 -3.41 0.78 11.33
CA VAL A 36 -2.29 1.00 10.43
C VAL A 36 -2.38 0.07 9.25
N LYS A 37 -2.77 0.60 8.14
CA LYS A 37 -2.92 -0.15 6.92
C LYS A 37 -1.61 -0.12 6.18
N ILE A 38 -1.10 -1.28 5.83
CA ILE A 38 0.14 -1.38 5.11
C ILE A 38 -0.06 -2.28 3.91
N GLY A 39 0.58 -1.94 2.82
CA GLY A 39 0.49 -2.73 1.64
C GLY A 39 1.84 -3.00 1.09
N LEU A 40 1.99 -4.14 0.49
CA LEU A 40 3.23 -4.53 -0.11
C LEU A 40 3.16 -4.19 -1.59
N PHE A 41 4.11 -3.45 -2.06
CA PHE A 41 4.15 -2.99 -3.42
C PHE A 41 5.43 -3.43 -4.07
N LYS A 42 5.53 -3.18 -5.34
CA LYS A 42 6.76 -3.35 -6.05
C LYS A 42 7.07 -2.05 -6.74
N ASP A 43 8.24 -1.53 -6.50
CA ASP A 43 8.65 -0.30 -7.16
C ASP A 43 9.09 -0.65 -8.57
N PRO A 44 8.44 -0.10 -9.58
CA PRO A 44 8.69 -0.46 -10.98
C PRO A 44 10.02 0.05 -11.56
N GLU A 45 10.69 0.95 -10.86
CA GLU A 45 11.93 1.50 -11.36
C GLU A 45 13.14 0.80 -10.75
N THR A 46 13.02 0.40 -9.51
CA THR A 46 14.08 -0.31 -8.84
C THR A 46 13.87 -1.81 -8.96
N GLY A 47 12.61 -2.22 -8.96
CA GLY A 47 12.27 -3.60 -9.10
C GLY A 47 12.29 -4.31 -7.78
N LYS A 48 11.99 -3.62 -6.71
CA LYS A 48 11.98 -4.26 -5.42
C LYS A 48 10.64 -4.10 -4.74
N TYR A 49 10.32 -5.05 -3.91
CA TYR A 49 9.08 -5.04 -3.18
C TYR A 49 9.26 -4.29 -1.89
N PHE A 50 8.37 -3.37 -1.62
CA PHE A 50 8.45 -2.61 -0.42
C PHE A 50 7.08 -2.52 0.21
N ARG A 51 7.02 -2.64 1.48
CA ARG A 51 5.81 -2.48 2.19
C ARG A 51 5.73 -1.05 2.68
N HIS A 52 4.62 -0.42 2.46
CA HIS A 52 4.45 0.97 2.80
C HIS A 52 3.08 1.16 3.39
N LYS A 53 2.93 2.12 4.27
CA LYS A 53 1.66 2.41 4.87
C LYS A 53 0.72 2.98 3.80
N LEU A 54 -0.51 2.60 3.88
CA LEU A 54 -1.53 3.04 2.96
C LEU A 54 -2.28 4.21 3.62
N PRO A 55 -3.29 4.79 2.95
CA PRO A 55 -4.13 5.78 3.58
C PRO A 55 -4.88 5.11 4.72
N ASP A 56 -4.98 5.78 5.84
CA ASP A 56 -5.57 5.24 7.06
C ASP A 56 -7.03 4.80 6.88
N ASP A 57 -7.68 5.33 5.87
CA ASP A 57 -9.10 5.03 5.57
C ASP A 57 -9.24 4.23 4.24
N TYR A 58 -8.12 3.73 3.73
CA TYR A 58 -8.13 2.98 2.47
C TYR A 58 -8.88 1.64 2.64
N PRO A 59 -9.86 1.35 1.77
CA PRO A 59 -10.67 0.15 1.88
C PRO A 59 -9.92 -1.14 1.53
N ILE A 60 -9.35 -1.76 2.52
CA ILE A 60 -8.65 -2.99 2.33
C ILE A 60 -9.38 -4.12 3.03
N MET A 1 -16.25 -10.61 -10.67
CA MET A 1 -16.60 -9.53 -9.75
C MET A 1 -15.65 -9.58 -8.58
N SER A 2 -14.76 -8.61 -8.49
CA SER A 2 -13.76 -8.60 -7.46
C SER A 2 -13.53 -7.19 -6.89
N SER A 3 -12.79 -7.12 -5.80
CA SER A 3 -12.39 -5.88 -5.19
C SER A 3 -11.07 -6.10 -4.45
N GLY A 4 -10.00 -6.09 -5.22
CA GLY A 4 -8.68 -6.32 -4.68
C GLY A 4 -7.63 -5.55 -5.44
N LYS A 5 -7.78 -5.47 -6.75
CA LYS A 5 -6.85 -4.71 -7.56
C LYS A 5 -7.27 -3.25 -7.59
N LYS A 6 -6.87 -2.55 -6.57
CA LYS A 6 -7.18 -1.18 -6.41
C LYS A 6 -5.88 -0.41 -6.18
N PRO A 7 -5.51 0.48 -7.08
CA PRO A 7 -4.30 1.24 -6.93
C PRO A 7 -4.45 2.42 -5.98
N VAL A 8 -3.35 2.88 -5.47
CA VAL A 8 -3.33 4.01 -4.57
C VAL A 8 -2.13 4.86 -4.93
N LYS A 9 -2.21 6.15 -4.69
CA LYS A 9 -1.06 7.01 -4.86
C LYS A 9 -0.10 6.74 -3.73
N VAL A 10 0.99 6.13 -4.07
CA VAL A 10 1.98 5.82 -3.10
C VAL A 10 3.32 6.39 -3.54
N LYS A 11 4.01 6.94 -2.60
CA LYS A 11 5.29 7.51 -2.86
C LYS A 11 6.31 6.41 -2.80
N THR A 12 6.99 6.22 -3.89
CA THR A 12 7.90 5.12 -4.02
C THR A 12 9.31 5.53 -3.61
N PRO A 13 10.16 4.57 -3.20
CA PRO A 13 11.55 4.83 -2.81
C PRO A 13 12.38 5.19 -4.04
N ALA A 14 11.83 4.87 -5.21
CA ALA A 14 12.40 5.24 -6.48
C ALA A 14 12.51 6.75 -6.56
N GLY A 15 11.55 7.45 -5.96
CA GLY A 15 11.63 8.88 -5.89
C GLY A 15 10.35 9.60 -6.27
N LYS A 16 9.45 8.95 -6.95
CA LYS A 16 8.27 9.65 -7.46
C LYS A 16 6.98 9.07 -6.88
N GLU A 17 5.88 9.73 -7.18
CA GLU A 17 4.56 9.29 -6.82
C GLU A 17 4.09 8.32 -7.88
N ALA A 18 3.70 7.16 -7.47
CA ALA A 18 3.24 6.19 -8.39
C ALA A 18 1.96 5.61 -7.89
N GLU A 19 1.08 5.30 -8.80
CA GLU A 19 -0.12 4.66 -8.42
C GLU A 19 0.07 3.18 -8.57
N LEU A 20 0.23 2.56 -7.47
CA LEU A 20 0.53 1.17 -7.42
C LEU A 20 -0.58 0.43 -6.76
N VAL A 21 -0.86 -0.72 -7.27
CA VAL A 21 -1.79 -1.61 -6.66
C VAL A 21 -1.02 -2.53 -5.69
N PRO A 22 -1.40 -2.51 -4.41
CA PRO A 22 -0.76 -3.35 -3.40
C PRO A 22 -0.89 -4.83 -3.75
N GLU A 23 0.21 -5.52 -3.61
CA GLU A 23 0.33 -6.93 -3.91
C GLU A 23 -0.38 -7.72 -2.81
N LYS A 24 -0.33 -7.17 -1.62
CA LYS A 24 -0.92 -7.75 -0.43
C LYS A 24 -1.25 -6.60 0.51
N VAL A 25 -2.40 -6.65 1.16
CA VAL A 25 -2.79 -5.61 2.12
C VAL A 25 -3.09 -6.25 3.46
N TRP A 26 -2.76 -5.55 4.52
CA TRP A 26 -3.05 -6.00 5.86
C TRP A 26 -3.16 -4.81 6.77
N ALA A 27 -3.77 -4.97 7.91
CA ALA A 27 -3.93 -3.85 8.83
C ALA A 27 -3.67 -4.28 10.25
N LEU A 28 -2.85 -3.53 10.92
CA LEU A 28 -2.56 -3.76 12.31
C LEU A 28 -3.39 -2.81 13.13
N ALA A 29 -4.50 -3.29 13.62
CA ALA A 29 -5.38 -2.49 14.42
C ALA A 29 -5.70 -3.17 15.75
N PRO A 30 -4.97 -2.79 16.82
CA PRO A 30 -5.21 -3.34 18.15
C PRO A 30 -6.63 -3.04 18.66
N LYS A 31 -6.92 -1.74 18.86
CA LYS A 31 -8.21 -1.25 19.37
C LYS A 31 -8.06 0.24 19.71
N GLY A 32 -8.87 1.08 19.06
CA GLY A 32 -8.85 2.53 19.32
C GLY A 32 -7.47 3.12 19.14
N ARG A 33 -6.84 2.71 18.10
CA ARG A 33 -5.47 3.07 17.84
C ARG A 33 -5.39 3.33 16.35
N LYS A 34 -4.25 3.74 15.87
CA LYS A 34 -4.06 3.88 14.45
C LYS A 34 -4.02 2.51 13.81
N GLY A 35 -5.07 2.17 13.11
CA GLY A 35 -5.11 0.93 12.39
C GLY A 35 -4.25 1.05 11.18
N VAL A 36 -3.00 0.70 11.34
CA VAL A 36 -2.05 0.86 10.30
C VAL A 36 -2.21 -0.19 9.22
N LYS A 37 -2.83 0.25 8.17
CA LYS A 37 -3.01 -0.53 6.98
C LYS A 37 -1.71 -0.47 6.23
N ILE A 38 -1.18 -1.58 5.88
CA ILE A 38 0.07 -1.64 5.18
C ILE A 38 -0.08 -2.49 3.96
N GLY A 39 0.50 -2.05 2.89
CA GLY A 39 0.43 -2.78 1.69
C GLY A 39 1.79 -3.01 1.14
N LEU A 40 1.98 -4.13 0.53
CA LEU A 40 3.23 -4.45 -0.08
C LEU A 40 3.16 -4.05 -1.53
N PHE A 41 4.10 -3.27 -1.94
CA PHE A 41 4.16 -2.77 -3.27
C PHE A 41 5.43 -3.24 -3.93
N LYS A 42 5.60 -2.88 -5.16
CA LYS A 42 6.78 -3.17 -5.89
C LYS A 42 7.25 -1.88 -6.51
N ASP A 43 8.48 -1.54 -6.24
CA ASP A 43 9.10 -0.33 -6.74
C ASP A 43 9.19 -0.40 -8.27
N PRO A 44 8.70 0.63 -8.98
CA PRO A 44 8.66 0.61 -10.44
C PRO A 44 10.05 0.56 -11.10
N GLU A 45 11.00 1.29 -10.57
CA GLU A 45 12.31 1.35 -11.19
C GLU A 45 13.26 0.26 -10.72
N THR A 46 13.37 0.08 -9.43
CA THR A 46 14.34 -0.86 -8.91
C THR A 46 13.73 -2.26 -8.74
N GLY A 47 12.42 -2.33 -8.69
CA GLY A 47 11.73 -3.60 -8.65
C GLY A 47 11.61 -4.22 -7.28
N LYS A 48 12.12 -3.55 -6.29
CA LYS A 48 12.10 -4.08 -4.94
C LYS A 48 10.69 -4.01 -4.34
N TYR A 49 10.31 -5.05 -3.65
CA TYR A 49 9.04 -5.06 -2.97
C TYR A 49 9.16 -4.33 -1.66
N PHE A 50 8.37 -3.29 -1.50
CA PHE A 50 8.44 -2.51 -0.30
C PHE A 50 7.06 -2.42 0.31
N ARG A 51 6.99 -2.52 1.60
CA ARG A 51 5.76 -2.33 2.29
C ARG A 51 5.68 -0.91 2.79
N HIS A 52 4.55 -0.31 2.58
CA HIS A 52 4.32 1.07 2.93
C HIS A 52 2.96 1.15 3.56
N LYS A 53 2.80 1.92 4.59
CA LYS A 53 1.52 2.05 5.21
C LYS A 53 0.59 2.82 4.28
N LEU A 54 -0.60 2.38 4.20
CA LEU A 54 -1.57 2.93 3.28
C LEU A 54 -2.26 4.10 3.94
N PRO A 55 -3.09 4.84 3.21
CA PRO A 55 -3.89 5.88 3.80
C PRO A 55 -4.89 5.23 4.74
N ASP A 56 -5.12 5.83 5.87
CA ASP A 56 -5.99 5.25 6.88
C ASP A 56 -7.41 5.21 6.34
N ASP A 57 -7.65 6.15 5.46
CA ASP A 57 -8.93 6.36 4.80
C ASP A 57 -9.12 5.41 3.61
N TYR A 58 -8.10 4.65 3.29
CA TYR A 58 -8.14 3.74 2.16
C TYR A 58 -8.91 2.47 2.56
N PRO A 59 -9.98 2.12 1.84
CA PRO A 59 -10.79 0.96 2.15
C PRO A 59 -10.17 -0.31 1.59
N ILE A 60 -9.73 -1.16 2.46
CA ILE A 60 -9.16 -2.42 2.07
C ILE A 60 -10.20 -3.53 2.20
N MET A 1 -11.47 -10.54 -5.41
CA MET A 1 -11.35 -11.93 -5.88
C MET A 1 -10.76 -11.95 -7.27
N SER A 2 -11.50 -11.47 -8.24
CA SER A 2 -11.02 -11.42 -9.59
C SER A 2 -10.41 -10.05 -9.89
N SER A 3 -11.05 -9.02 -9.41
CA SER A 3 -10.59 -7.70 -9.64
C SER A 3 -10.39 -6.98 -8.32
N GLY A 4 -9.16 -6.79 -7.95
CA GLY A 4 -8.85 -6.06 -6.77
C GLY A 4 -8.12 -4.81 -7.17
N LYS A 5 -8.66 -4.15 -8.17
CA LYS A 5 -8.06 -2.95 -8.72
C LYS A 5 -8.21 -1.76 -7.80
N LYS A 6 -7.34 -1.68 -6.84
CA LYS A 6 -7.28 -0.55 -5.95
C LYS A 6 -5.88 0.04 -5.94
N PRO A 7 -5.53 0.81 -6.97
CA PRO A 7 -4.25 1.45 -7.03
C PRO A 7 -4.26 2.75 -6.25
N VAL A 8 -3.38 2.85 -5.31
CA VAL A 8 -3.27 4.02 -4.49
C VAL A 8 -2.07 4.82 -4.95
N LYS A 9 -2.12 6.12 -4.82
CA LYS A 9 -1.02 6.93 -5.22
C LYS A 9 -0.02 6.90 -4.09
N VAL A 10 1.08 6.24 -4.31
CA VAL A 10 2.04 5.99 -3.29
C VAL A 10 3.43 6.42 -3.75
N LYS A 11 4.25 6.75 -2.79
CA LYS A 11 5.60 7.13 -3.02
C LYS A 11 6.46 5.87 -3.09
N THR A 12 7.35 5.82 -4.06
CA THR A 12 8.18 4.67 -4.24
C THR A 12 9.44 4.85 -3.40
N PRO A 13 10.29 3.81 -3.25
CA PRO A 13 11.54 3.93 -2.48
C PRO A 13 12.49 4.98 -3.06
N ALA A 14 12.22 5.41 -4.28
CA ALA A 14 13.01 6.43 -4.94
C ALA A 14 12.51 7.83 -4.57
N GLY A 15 11.39 7.89 -3.86
CA GLY A 15 10.83 9.18 -3.44
C GLY A 15 9.91 9.75 -4.49
N LYS A 16 9.53 8.92 -5.42
CA LYS A 16 8.69 9.29 -6.53
C LYS A 16 7.29 8.91 -6.19
N GLU A 17 6.33 9.42 -6.88
CA GLU A 17 4.97 9.12 -6.53
C GLU A 17 4.20 8.67 -7.75
N ALA A 18 3.58 7.51 -7.65
CA ALA A 18 2.81 6.93 -8.73
C ALA A 18 1.72 6.05 -8.15
N GLU A 19 0.75 5.70 -8.95
CA GLU A 19 -0.30 4.84 -8.48
C GLU A 19 0.11 3.40 -8.61
N LEU A 20 0.11 2.70 -7.51
CA LEU A 20 0.47 1.31 -7.48
C LEU A 20 -0.62 0.53 -6.80
N VAL A 21 -0.95 -0.61 -7.35
CA VAL A 21 -1.87 -1.50 -6.71
C VAL A 21 -1.05 -2.42 -5.78
N PRO A 22 -1.42 -2.49 -4.50
CA PRO A 22 -0.69 -3.29 -3.53
C PRO A 22 -0.76 -4.79 -3.82
N GLU A 23 0.35 -5.45 -3.60
CA GLU A 23 0.49 -6.88 -3.79
C GLU A 23 -0.24 -7.58 -2.67
N LYS A 24 -0.02 -7.09 -1.47
CA LYS A 24 -0.62 -7.65 -0.29
C LYS A 24 -1.03 -6.48 0.60
N VAL A 25 -2.09 -6.66 1.36
CA VAL A 25 -2.55 -5.62 2.28
C VAL A 25 -2.81 -6.21 3.65
N TRP A 26 -2.52 -5.48 4.68
CA TRP A 26 -2.79 -5.92 6.01
C TRP A 26 -3.08 -4.75 6.91
N ALA A 27 -3.78 -5.01 7.97
CA ALA A 27 -4.14 -4.01 8.92
C ALA A 27 -3.81 -4.49 10.31
N LEU A 28 -3.04 -3.70 11.01
CA LEU A 28 -2.69 -4.00 12.37
C LEU A 28 -3.83 -3.52 13.25
N ALA A 29 -4.74 -4.41 13.54
CA ALA A 29 -5.88 -4.09 14.35
C ALA A 29 -6.17 -5.22 15.34
N PRO A 30 -5.53 -5.18 16.53
CA PRO A 30 -5.80 -6.14 17.62
C PRO A 30 -7.29 -6.13 17.98
N LYS A 31 -7.84 -4.92 18.01
CA LYS A 31 -9.25 -4.65 18.23
C LYS A 31 -9.46 -3.16 17.97
N GLY A 32 -8.86 -2.34 18.82
CA GLY A 32 -8.97 -0.91 18.69
C GLY A 32 -7.61 -0.28 18.75
N ARG A 33 -7.02 -0.07 17.60
CA ARG A 33 -5.66 0.43 17.48
C ARG A 33 -5.61 1.13 16.13
N LYS A 34 -6.73 1.80 15.81
CA LYS A 34 -7.00 2.48 14.52
C LYS A 34 -7.23 1.48 13.40
N GLY A 35 -6.28 0.61 13.24
CA GLY A 35 -6.28 -0.30 12.16
C GLY A 35 -5.30 0.19 11.16
N VAL A 36 -4.03 0.05 11.51
CA VAL A 36 -2.94 0.59 10.72
C VAL A 36 -2.76 -0.28 9.51
N LYS A 37 -3.01 0.30 8.37
CA LYS A 37 -3.02 -0.42 7.13
C LYS A 37 -1.70 -0.26 6.42
N ILE A 38 -1.15 -1.37 6.00
CA ILE A 38 0.10 -1.38 5.28
C ILE A 38 -0.04 -2.27 4.08
N GLY A 39 0.57 -1.87 3.00
CA GLY A 39 0.51 -2.64 1.82
C GLY A 39 1.87 -2.88 1.29
N LEU A 40 2.06 -4.02 0.71
CA LEU A 40 3.29 -4.37 0.11
C LEU A 40 3.18 -4.05 -1.36
N PHE A 41 4.12 -3.34 -1.86
CA PHE A 41 4.11 -2.91 -3.22
C PHE A 41 5.32 -3.44 -3.94
N LYS A 42 5.31 -3.29 -5.23
CA LYS A 42 6.39 -3.64 -6.05
C LYS A 42 6.83 -2.41 -6.82
N ASP A 43 8.04 -1.99 -6.56
CA ASP A 43 8.67 -0.80 -7.15
C ASP A 43 8.60 -0.88 -8.66
N PRO A 44 8.01 0.12 -9.32
CA PRO A 44 7.78 0.11 -10.76
C PRO A 44 9.06 0.12 -11.60
N GLU A 45 10.12 0.66 -11.07
CA GLU A 45 11.31 0.75 -11.84
C GLU A 45 12.34 -0.34 -11.56
N THR A 46 12.61 -0.59 -10.31
CA THR A 46 13.64 -1.55 -9.98
C THR A 46 13.06 -2.94 -9.70
N GLY A 47 11.74 -3.00 -9.55
CA GLY A 47 11.06 -4.27 -9.36
C GLY A 47 11.21 -4.85 -7.97
N LYS A 48 11.58 -4.02 -7.02
CA LYS A 48 11.77 -4.49 -5.66
C LYS A 48 10.49 -4.34 -4.84
N TYR A 49 10.29 -5.22 -3.90
CA TYR A 49 9.11 -5.20 -3.06
C TYR A 49 9.33 -4.33 -1.84
N PHE A 50 8.42 -3.42 -1.59
CA PHE A 50 8.54 -2.54 -0.44
C PHE A 50 7.19 -2.41 0.24
N ARG A 51 7.18 -2.41 1.54
CA ARG A 51 5.98 -2.21 2.30
C ARG A 51 5.86 -0.77 2.73
N HIS A 52 4.71 -0.21 2.53
CA HIS A 52 4.44 1.18 2.80
C HIS A 52 3.08 1.24 3.44
N LYS A 53 2.88 2.11 4.43
CA LYS A 53 1.56 2.15 5.02
C LYS A 53 0.58 2.78 4.05
N LEU A 54 -0.63 2.37 4.13
CA LEU A 54 -1.67 2.88 3.29
C LEU A 54 -2.33 3.99 4.09
N PRO A 55 -3.28 4.72 3.52
CA PRO A 55 -4.05 5.68 4.28
C PRO A 55 -4.90 4.92 5.29
N ASP A 56 -5.05 5.44 6.47
CA ASP A 56 -5.83 4.75 7.52
C ASP A 56 -7.29 4.69 7.13
N ASP A 57 -7.67 5.62 6.28
CA ASP A 57 -9.03 5.79 5.76
C ASP A 57 -9.27 4.94 4.49
N TYR A 58 -8.23 4.29 4.01
CA TYR A 58 -8.30 3.46 2.81
C TYR A 58 -9.09 2.16 3.13
N PRO A 59 -10.00 1.73 2.24
CA PRO A 59 -10.81 0.56 2.48
C PRO A 59 -10.19 -0.76 2.02
N ILE A 60 -9.91 -1.62 2.97
CA ILE A 60 -9.46 -2.98 2.73
C ILE A 60 -10.27 -3.93 3.59
N MET A 1 -15.16 -1.72 -10.58
CA MET A 1 -15.09 -1.11 -9.24
C MET A 1 -14.78 -2.22 -8.24
N SER A 2 -13.58 -2.15 -7.68
CA SER A 2 -13.04 -3.14 -6.76
C SER A 2 -12.84 -4.50 -7.44
N SER A 3 -11.67 -4.67 -8.01
CA SER A 3 -11.34 -5.84 -8.80
C SER A 3 -10.60 -6.90 -7.93
N GLY A 4 -10.36 -6.57 -6.69
CA GLY A 4 -9.65 -7.44 -5.79
C GLY A 4 -8.46 -6.70 -5.25
N LYS A 5 -7.62 -6.31 -6.15
CA LYS A 5 -6.52 -5.43 -5.86
C LYS A 5 -6.89 -4.06 -6.41
N LYS A 6 -6.38 -3.03 -5.82
CA LYS A 6 -6.68 -1.68 -6.26
C LYS A 6 -5.42 -0.85 -6.14
N PRO A 7 -5.08 -0.04 -7.15
CA PRO A 7 -3.93 0.83 -7.06
C PRO A 7 -4.19 2.04 -6.18
N VAL A 8 -3.27 2.28 -5.30
CA VAL A 8 -3.36 3.38 -4.38
C VAL A 8 -2.22 4.35 -4.66
N LYS A 9 -2.49 5.61 -4.44
CA LYS A 9 -1.52 6.67 -4.59
C LYS A 9 -0.49 6.48 -3.47
N VAL A 10 0.70 6.06 -3.81
CA VAL A 10 1.67 5.74 -2.81
C VAL A 10 3.06 6.26 -3.18
N LYS A 11 3.84 6.54 -2.18
CA LYS A 11 5.20 6.96 -2.39
C LYS A 11 6.10 5.76 -2.30
N THR A 12 7.08 5.75 -3.14
CA THR A 12 8.04 4.68 -3.19
C THR A 12 9.24 5.04 -2.30
N PRO A 13 10.19 4.11 -2.06
CA PRO A 13 11.39 4.40 -1.27
C PRO A 13 12.33 5.37 -2.00
N ALA A 14 12.07 5.57 -3.28
CA ALA A 14 12.88 6.45 -4.11
C ALA A 14 12.52 7.91 -3.88
N GLY A 15 11.33 8.16 -3.36
CA GLY A 15 10.90 9.51 -3.09
C GLY A 15 9.83 9.97 -4.05
N LYS A 16 9.72 9.26 -5.14
CA LYS A 16 8.73 9.55 -6.15
C LYS A 16 7.41 8.91 -5.75
N GLU A 17 6.34 9.42 -6.29
CA GLU A 17 5.03 8.93 -6.02
C GLU A 17 4.48 8.29 -7.28
N ALA A 18 3.70 7.24 -7.11
CA ALA A 18 3.06 6.56 -8.21
C ALA A 18 1.84 5.85 -7.69
N GLU A 19 0.89 5.61 -8.53
CA GLU A 19 -0.27 4.86 -8.13
C GLU A 19 0.04 3.41 -8.39
N LEU A 20 0.31 2.70 -7.34
CA LEU A 20 0.75 1.35 -7.44
C LEU A 20 -0.24 0.42 -6.80
N VAL A 21 -0.34 -0.77 -7.32
CA VAL A 21 -1.24 -1.74 -6.80
C VAL A 21 -0.48 -2.66 -5.83
N PRO A 22 -0.96 -2.81 -4.60
CA PRO A 22 -0.35 -3.68 -3.64
C PRO A 22 -0.65 -5.14 -3.93
N GLU A 23 0.34 -5.97 -3.72
CA GLU A 23 0.23 -7.39 -3.91
C GLU A 23 -0.60 -7.99 -2.81
N LYS A 24 -0.38 -7.49 -1.63
CA LYS A 24 -1.11 -7.88 -0.45
C LYS A 24 -1.25 -6.69 0.46
N VAL A 25 -2.34 -6.62 1.17
CA VAL A 25 -2.59 -5.57 2.13
C VAL A 25 -2.92 -6.17 3.47
N TRP A 26 -2.50 -5.53 4.51
CA TRP A 26 -2.78 -5.97 5.85
C TRP A 26 -2.93 -4.77 6.75
N ALA A 27 -3.63 -4.94 7.81
CA ALA A 27 -3.86 -3.88 8.73
C ALA A 27 -3.24 -4.18 10.07
N LEU A 28 -2.90 -3.15 10.76
CA LEU A 28 -2.39 -3.23 12.10
C LEU A 28 -3.34 -2.44 12.94
N ALA A 29 -4.38 -3.07 13.39
CA ALA A 29 -5.40 -2.37 14.11
C ALA A 29 -5.80 -3.07 15.39
N PRO A 30 -5.22 -2.70 16.50
CA PRO A 30 -5.66 -3.16 17.78
C PRO A 30 -6.83 -2.27 18.24
N LYS A 31 -7.88 -2.88 18.77
CA LYS A 31 -9.07 -2.13 19.18
C LYS A 31 -8.75 -1.10 20.25
N GLY A 32 -8.89 0.15 19.88
CA GLY A 32 -8.65 1.24 20.79
C GLY A 32 -7.30 1.87 20.58
N ARG A 33 -6.55 1.38 19.61
CA ARG A 33 -5.22 1.87 19.38
C ARG A 33 -5.04 2.54 18.02
N LYS A 34 -5.03 1.75 16.98
CA LYS A 34 -4.79 2.26 15.63
C LYS A 34 -5.63 1.55 14.62
N GLY A 35 -5.56 2.02 13.41
CA GLY A 35 -6.23 1.44 12.29
C GLY A 35 -5.40 1.63 11.07
N VAL A 36 -4.10 1.43 11.22
CA VAL A 36 -3.16 1.67 10.16
C VAL A 36 -3.09 0.48 9.24
N LYS A 37 -2.81 0.75 8.00
CA LYS A 37 -2.84 -0.24 6.96
C LYS A 37 -1.52 -0.20 6.24
N ILE A 38 -1.03 -1.33 5.80
CA ILE A 38 0.22 -1.41 5.06
C ILE A 38 0.03 -2.34 3.87
N GLY A 39 0.65 -2.03 2.78
CA GLY A 39 0.56 -2.84 1.62
C GLY A 39 1.92 -3.10 1.05
N LEU A 40 2.10 -4.24 0.46
CA LEU A 40 3.35 -4.59 -0.17
C LEU A 40 3.26 -4.32 -1.64
N PHE A 41 4.14 -3.52 -2.12
CA PHE A 41 4.15 -3.10 -3.50
C PHE A 41 5.43 -3.53 -4.16
N LYS A 42 5.49 -3.32 -5.43
CA LYS A 42 6.67 -3.52 -6.21
C LYS A 42 6.81 -2.32 -7.11
N ASP A 43 7.94 -1.68 -7.06
CA ASP A 43 8.19 -0.55 -7.92
C ASP A 43 8.54 -1.04 -9.31
N PRO A 44 7.87 -0.53 -10.33
CA PRO A 44 8.06 -0.95 -11.73
C PRO A 44 9.38 -0.48 -12.36
N GLU A 45 10.06 0.44 -11.72
CA GLU A 45 11.28 0.99 -12.26
C GLU A 45 12.52 0.33 -11.68
N THR A 46 12.59 0.29 -10.37
CA THR A 46 13.71 -0.28 -9.68
C THR A 46 13.56 -1.80 -9.58
N GLY A 47 12.32 -2.25 -9.43
CA GLY A 47 12.03 -3.64 -9.34
C GLY A 47 11.96 -4.14 -7.92
N LYS A 48 12.07 -3.24 -6.97
CA LYS A 48 12.08 -3.64 -5.58
C LYS A 48 10.68 -3.72 -5.00
N TYR A 49 10.52 -4.60 -4.05
CA TYR A 49 9.28 -4.73 -3.32
C TYR A 49 9.40 -3.94 -2.05
N PHE A 50 8.37 -3.21 -1.71
CA PHE A 50 8.41 -2.43 -0.51
C PHE A 50 7.05 -2.42 0.14
N ARG A 51 7.03 -2.51 1.44
CA ARG A 51 5.82 -2.41 2.17
C ARG A 51 5.69 -1.02 2.76
N HIS A 52 4.66 -0.34 2.38
CA HIS A 52 4.47 1.05 2.73
C HIS A 52 3.11 1.18 3.35
N LYS A 53 2.96 2.03 4.33
CA LYS A 53 1.68 2.21 4.96
C LYS A 53 0.72 2.87 3.98
N LEU A 54 -0.48 2.44 4.01
CA LEU A 54 -1.50 2.92 3.12
C LEU A 54 -2.24 4.04 3.83
N PRO A 55 -3.13 4.76 3.15
CA PRO A 55 -3.93 5.75 3.79
C PRO A 55 -4.88 5.06 4.75
N ASP A 56 -5.10 5.65 5.90
CA ASP A 56 -5.97 5.07 6.93
C ASP A 56 -7.39 4.99 6.41
N ASP A 57 -7.68 5.87 5.48
CA ASP A 57 -8.99 6.02 4.86
C ASP A 57 -9.16 5.11 3.66
N TYR A 58 -8.15 4.35 3.35
CA TYR A 58 -8.18 3.48 2.19
C TYR A 58 -8.96 2.21 2.53
N PRO A 59 -9.98 1.86 1.73
CA PRO A 59 -10.78 0.68 1.98
C PRO A 59 -10.06 -0.59 1.56
N ILE A 60 -9.64 -1.36 2.53
CA ILE A 60 -9.05 -2.64 2.30
C ILE A 60 -10.01 -3.72 2.75
N MET A 1 -12.07 -5.80 0.97
CA MET A 1 -11.64 -6.96 0.21
C MET A 1 -11.04 -6.47 -1.09
N SER A 2 -10.02 -7.13 -1.56
CA SER A 2 -9.37 -6.75 -2.77
C SER A 2 -9.96 -7.50 -3.96
N SER A 3 -10.89 -6.87 -4.61
CA SER A 3 -11.49 -7.44 -5.77
C SER A 3 -10.78 -6.91 -7.02
N GLY A 4 -9.70 -7.56 -7.39
CA GLY A 4 -8.97 -7.15 -8.56
C GLY A 4 -7.92 -6.13 -8.22
N LYS A 5 -7.72 -5.18 -9.10
CA LYS A 5 -6.75 -4.14 -8.87
C LYS A 5 -7.34 -2.95 -8.17
N LYS A 6 -6.57 -2.46 -7.25
CA LYS A 6 -6.81 -1.21 -6.58
C LYS A 6 -5.47 -0.52 -6.43
N PRO A 7 -5.13 0.34 -7.38
CA PRO A 7 -3.89 1.07 -7.33
C PRO A 7 -4.01 2.32 -6.48
N VAL A 8 -3.21 2.39 -5.46
CA VAL A 8 -3.23 3.48 -4.53
C VAL A 8 -2.04 4.40 -4.81
N LYS A 9 -2.24 5.68 -4.63
CA LYS A 9 -1.17 6.64 -4.78
C LYS A 9 -0.27 6.50 -3.56
N VAL A 10 0.88 5.94 -3.75
CA VAL A 10 1.77 5.66 -2.67
C VAL A 10 3.17 6.19 -2.98
N LYS A 11 3.89 6.56 -1.94
CA LYS A 11 5.25 7.03 -2.08
C LYS A 11 6.17 5.87 -2.26
N THR A 12 6.91 5.91 -3.31
CA THR A 12 7.87 4.89 -3.67
C THR A 12 9.14 5.03 -2.82
N PRO A 13 10.06 4.03 -2.86
CA PRO A 13 11.34 4.11 -2.14
C PRO A 13 12.23 5.18 -2.78
N ALA A 14 11.96 5.44 -4.04
CA ALA A 14 12.66 6.46 -4.78
C ALA A 14 12.31 7.83 -4.22
N GLY A 15 11.03 8.03 -3.91
CA GLY A 15 10.62 9.27 -3.29
C GLY A 15 9.59 10.05 -4.08
N LYS A 16 8.74 9.37 -4.80
CA LYS A 16 7.67 10.05 -5.53
C LYS A 16 6.41 9.21 -5.46
N GLU A 17 5.28 9.82 -5.69
CA GLU A 17 4.03 9.12 -5.61
C GLU A 17 3.71 8.43 -6.91
N ALA A 18 3.43 7.18 -6.82
CA ALA A 18 3.04 6.39 -7.95
C ALA A 18 1.82 5.61 -7.55
N GLU A 19 0.95 5.38 -8.46
CA GLU A 19 -0.20 4.58 -8.19
C GLU A 19 0.11 3.15 -8.47
N LEU A 20 0.29 2.43 -7.41
CA LEU A 20 0.72 1.07 -7.45
C LEU A 20 -0.34 0.20 -6.84
N VAL A 21 -0.54 -0.95 -7.41
CA VAL A 21 -1.46 -1.90 -6.87
C VAL A 21 -0.71 -2.81 -5.88
N PRO A 22 -1.16 -2.84 -4.62
CA PRO A 22 -0.54 -3.65 -3.61
C PRO A 22 -0.68 -5.14 -3.88
N GLU A 23 0.42 -5.85 -3.72
CA GLU A 23 0.52 -7.27 -3.91
C GLU A 23 -0.43 -7.94 -2.91
N LYS A 24 -0.31 -7.50 -1.69
CA LYS A 24 -1.17 -7.90 -0.61
C LYS A 24 -1.35 -6.72 0.33
N VAL A 25 -2.45 -6.69 1.05
CA VAL A 25 -2.73 -5.64 2.02
C VAL A 25 -3.03 -6.23 3.38
N TRP A 26 -2.74 -5.47 4.40
CA TRP A 26 -3.03 -5.85 5.75
C TRP A 26 -3.15 -4.60 6.60
N ALA A 27 -3.64 -4.74 7.81
CA ALA A 27 -3.82 -3.60 8.67
C ALA A 27 -3.44 -3.94 10.09
N LEU A 28 -2.79 -3.01 10.72
CA LEU A 28 -2.41 -3.15 12.10
C LEU A 28 -3.19 -2.14 12.91
N ALA A 29 -4.29 -2.57 13.45
CA ALA A 29 -5.12 -1.69 14.23
C ALA A 29 -5.23 -2.16 15.66
N PRO A 30 -4.35 -1.67 16.54
CA PRO A 30 -4.45 -1.90 17.95
C PRO A 30 -5.43 -0.90 18.54
N LYS A 31 -5.73 -1.05 19.78
CA LYS A 31 -6.65 -0.17 20.43
C LYS A 31 -6.04 1.21 20.62
N GLY A 32 -6.84 2.24 20.40
CA GLY A 32 -6.37 3.60 20.54
C GLY A 32 -5.65 4.09 19.31
N ARG A 33 -6.08 3.60 18.15
CA ARG A 33 -5.51 3.98 16.89
C ARG A 33 -6.56 3.73 15.81
N LYS A 34 -6.47 4.45 14.70
CA LYS A 34 -7.38 4.21 13.59
C LYS A 34 -7.02 2.88 12.97
N GLY A 35 -5.74 2.68 12.77
CA GLY A 35 -5.25 1.47 12.24
C GLY A 35 -4.40 1.71 11.05
N VAL A 36 -3.15 1.34 11.14
CA VAL A 36 -2.24 1.56 10.07
C VAL A 36 -2.38 0.46 9.04
N LYS A 37 -2.72 0.84 7.87
CA LYS A 37 -2.90 -0.09 6.80
C LYS A 37 -1.61 -0.15 6.04
N ILE A 38 -1.18 -1.31 5.68
CA ILE A 38 0.08 -1.46 4.98
C ILE A 38 -0.11 -2.37 3.80
N GLY A 39 0.51 -2.04 2.71
CA GLY A 39 0.46 -2.85 1.55
C GLY A 39 1.84 -3.11 1.04
N LEU A 40 2.00 -4.23 0.43
CA LEU A 40 3.27 -4.58 -0.15
C LEU A 40 3.24 -4.22 -1.62
N PHE A 41 4.19 -3.45 -2.04
CA PHE A 41 4.24 -2.97 -3.40
C PHE A 41 5.53 -3.37 -4.03
N LYS A 42 5.65 -3.08 -5.28
CA LYS A 42 6.87 -3.24 -5.99
C LYS A 42 7.11 -1.98 -6.77
N ASP A 43 8.23 -1.37 -6.54
CA ASP A 43 8.59 -0.16 -7.24
C ASP A 43 9.08 -0.55 -8.62
N PRO A 44 8.52 0.00 -9.70
CA PRO A 44 8.86 -0.42 -11.06
C PRO A 44 10.16 0.22 -11.56
N GLU A 45 10.69 1.13 -10.82
CA GLU A 45 11.87 1.83 -11.24
C GLU A 45 13.13 1.24 -10.62
N THR A 46 13.04 0.89 -9.38
CA THR A 46 14.14 0.25 -8.71
C THR A 46 14.00 -1.28 -8.86
N GLY A 47 12.76 -1.73 -8.87
CA GLY A 47 12.47 -3.13 -9.03
C GLY A 47 12.46 -3.88 -7.73
N LYS A 48 12.14 -3.21 -6.66
CA LYS A 48 12.16 -3.84 -5.35
C LYS A 48 10.77 -3.84 -4.71
N TYR A 49 10.48 -4.90 -3.98
CA TYR A 49 9.25 -5.02 -3.22
C TYR A 49 9.38 -4.27 -1.93
N PHE A 50 8.49 -3.36 -1.66
CA PHE A 50 8.55 -2.60 -0.44
C PHE A 50 7.17 -2.51 0.17
N ARG A 51 7.10 -2.62 1.47
CA ARG A 51 5.86 -2.41 2.13
C ARG A 51 5.78 -0.97 2.55
N HIS A 52 4.64 -0.40 2.40
CA HIS A 52 4.44 0.99 2.72
C HIS A 52 3.05 1.12 3.28
N LYS A 53 2.86 2.04 4.18
CA LYS A 53 1.56 2.24 4.74
C LYS A 53 0.62 2.85 3.71
N LEU A 54 -0.60 2.49 3.80
CA LEU A 54 -1.64 2.96 2.93
C LEU A 54 -2.39 4.01 3.73
N PRO A 55 -3.27 4.78 3.09
CA PRO A 55 -4.11 5.72 3.81
C PRO A 55 -5.08 4.95 4.69
N ASP A 56 -5.39 5.45 5.86
CA ASP A 56 -6.30 4.78 6.73
C ASP A 56 -7.73 4.91 6.23
N ASP A 57 -7.91 5.83 5.31
CA ASP A 57 -9.21 6.09 4.66
C ASP A 57 -9.35 5.22 3.39
N TYR A 58 -8.33 4.46 3.07
CA TYR A 58 -8.30 3.63 1.88
C TYR A 58 -9.07 2.31 2.10
N PRO A 59 -9.93 1.91 1.14
CA PRO A 59 -10.70 0.68 1.24
C PRO A 59 -9.86 -0.54 0.89
N ILE A 60 -9.50 -1.30 1.89
CA ILE A 60 -8.75 -2.50 1.68
C ILE A 60 -9.67 -3.70 1.57
N MET A 1 -9.23 -12.67 -0.57
CA MET A 1 -10.44 -13.20 -1.19
C MET A 1 -11.13 -12.08 -1.91
N SER A 2 -12.19 -12.40 -2.68
CA SER A 2 -12.93 -11.42 -3.46
C SER A 2 -11.98 -10.80 -4.51
N SER A 3 -12.30 -9.63 -5.01
CA SER A 3 -11.46 -8.95 -5.95
C SER A 3 -11.47 -7.48 -5.59
N GLY A 4 -10.34 -6.99 -5.13
CA GLY A 4 -10.25 -5.61 -4.79
C GLY A 4 -9.63 -4.84 -5.92
N LYS A 5 -8.30 -4.87 -5.96
CA LYS A 5 -7.49 -4.19 -6.96
C LYS A 5 -7.80 -2.71 -7.02
N LYS A 6 -7.34 -2.00 -6.01
CA LYS A 6 -7.58 -0.60 -5.87
C LYS A 6 -6.23 0.13 -5.80
N PRO A 7 -5.78 0.70 -6.91
CA PRO A 7 -4.50 1.37 -6.97
C PRO A 7 -4.50 2.71 -6.21
N VAL A 8 -3.42 2.96 -5.51
CA VAL A 8 -3.27 4.16 -4.74
C VAL A 8 -1.94 4.82 -5.13
N LYS A 9 -1.91 6.14 -5.17
CA LYS A 9 -0.69 6.85 -5.40
C LYS A 9 0.13 6.78 -4.14
N VAL A 10 1.17 6.02 -4.20
CA VAL A 10 1.97 5.74 -3.06
C VAL A 10 3.41 6.19 -3.27
N LYS A 11 4.02 6.65 -2.20
CA LYS A 11 5.39 7.06 -2.22
C LYS A 11 6.29 5.84 -2.23
N THR A 12 7.01 5.72 -3.29
CA THR A 12 7.92 4.63 -3.52
C THR A 12 9.27 4.95 -2.83
N PRO A 13 10.15 3.94 -2.60
CA PRO A 13 11.40 4.11 -1.80
C PRO A 13 12.37 5.15 -2.36
N ALA A 14 12.21 5.52 -3.60
CA ALA A 14 13.11 6.48 -4.24
C ALA A 14 12.71 7.92 -3.93
N GLY A 15 11.58 8.08 -3.24
CA GLY A 15 11.12 9.41 -2.90
C GLY A 15 10.32 10.02 -4.02
N LYS A 16 9.55 9.20 -4.66
CA LYS A 16 8.68 9.61 -5.74
C LYS A 16 7.38 8.86 -5.59
N GLU A 17 6.37 9.27 -6.28
CA GLU A 17 5.07 8.63 -6.16
C GLU A 17 4.68 7.93 -7.44
N ALA A 18 3.97 6.85 -7.30
CA ALA A 18 3.46 6.09 -8.39
C ALA A 18 2.16 5.49 -7.94
N GLU A 19 1.23 5.33 -8.83
CA GLU A 19 -0.03 4.77 -8.48
C GLU A 19 0.01 3.29 -8.71
N LEU A 20 0.10 2.57 -7.63
CA LEU A 20 0.29 1.15 -7.66
C LEU A 20 -0.83 0.46 -6.92
N VAL A 21 -1.19 -0.69 -7.38
CA VAL A 21 -2.13 -1.51 -6.70
C VAL A 21 -1.35 -2.46 -5.78
N PRO A 22 -1.70 -2.53 -4.49
CA PRO A 22 -0.99 -3.35 -3.52
C PRO A 22 -1.04 -4.86 -3.82
N GLU A 23 0.05 -5.52 -3.52
CA GLU A 23 0.23 -6.95 -3.69
C GLU A 23 -0.44 -7.68 -2.56
N LYS A 24 -0.25 -7.16 -1.39
CA LYS A 24 -0.78 -7.71 -0.19
C LYS A 24 -1.13 -6.55 0.72
N VAL A 25 -2.23 -6.65 1.42
CA VAL A 25 -2.62 -5.63 2.36
C VAL A 25 -2.85 -6.25 3.73
N TRP A 26 -2.43 -5.56 4.76
CA TRP A 26 -2.64 -6.01 6.10
C TRP A 26 -2.84 -4.80 7.00
N ALA A 27 -3.46 -5.02 8.12
CA ALA A 27 -3.71 -3.96 9.03
C ALA A 27 -3.24 -4.34 10.41
N LEU A 28 -2.41 -3.50 10.97
CA LEU A 28 -1.94 -3.69 12.32
C LEU A 28 -3.02 -3.23 13.27
N ALA A 29 -3.86 -4.14 13.62
CA ALA A 29 -4.95 -3.84 14.51
C ALA A 29 -4.82 -4.70 15.75
N PRO A 30 -4.63 -4.06 16.93
CA PRO A 30 -4.65 -4.79 18.19
C PRO A 30 -6.02 -5.46 18.33
N LYS A 31 -7.04 -4.63 18.09
CA LYS A 31 -8.43 -5.03 18.01
C LYS A 31 -9.27 -3.78 17.78
N GLY A 32 -9.27 -2.90 18.76
CA GLY A 32 -10.09 -1.71 18.70
C GLY A 32 -9.30 -0.45 18.43
N ARG A 33 -9.39 0.01 17.20
CA ARG A 33 -8.78 1.25 16.75
C ARG A 33 -9.35 1.50 15.36
N LYS A 34 -8.80 0.78 14.39
CA LYS A 34 -9.19 0.81 12.97
C LYS A 34 -8.43 -0.29 12.30
N GLY A 35 -7.13 -0.21 12.45
CA GLY A 35 -6.23 -1.09 11.81
C GLY A 35 -5.31 -0.29 10.94
N VAL A 36 -4.04 -0.25 11.32
CA VAL A 36 -3.05 0.50 10.57
C VAL A 36 -2.74 -0.26 9.31
N LYS A 37 -3.25 0.23 8.23
CA LYS A 37 -3.20 -0.44 6.96
C LYS A 37 -1.87 -0.24 6.29
N ILE A 38 -1.26 -1.32 5.92
CA ILE A 38 0.00 -1.32 5.22
C ILE A 38 -0.10 -2.26 4.04
N GLY A 39 0.43 -1.87 2.94
CA GLY A 39 0.38 -2.68 1.77
C GLY A 39 1.73 -2.87 1.19
N LEU A 40 1.94 -4.00 0.61
CA LEU A 40 3.19 -4.32 -0.04
C LEU A 40 3.03 -3.99 -1.51
N PHE A 41 3.96 -3.27 -2.04
CA PHE A 41 3.93 -2.86 -3.42
C PHE A 41 5.20 -3.27 -4.12
N LYS A 42 5.25 -3.02 -5.39
CA LYS A 42 6.42 -3.24 -6.20
C LYS A 42 6.68 -1.98 -6.98
N ASP A 43 7.79 -1.35 -6.71
CA ASP A 43 8.16 -0.12 -7.41
C ASP A 43 8.45 -0.45 -8.86
N PRO A 44 7.80 0.23 -9.81
CA PRO A 44 7.96 -0.08 -11.23
C PRO A 44 9.31 0.34 -11.80
N GLU A 45 9.97 1.25 -11.12
CA GLU A 45 11.21 1.79 -11.61
C GLU A 45 12.36 0.84 -11.22
N THR A 46 12.54 0.64 -9.94
CA THR A 46 13.62 -0.18 -9.44
C THR A 46 13.24 -1.66 -9.49
N GLY A 47 11.97 -1.94 -9.31
CA GLY A 47 11.48 -3.27 -9.35
C GLY A 47 11.33 -3.90 -7.98
N LYS A 48 11.75 -3.18 -6.96
CA LYS A 48 11.75 -3.73 -5.62
C LYS A 48 10.38 -3.69 -4.94
N TYR A 49 10.20 -4.60 -4.03
CA TYR A 49 9.02 -4.71 -3.23
C TYR A 49 9.16 -3.91 -1.97
N PHE A 50 8.23 -3.03 -1.73
CA PHE A 50 8.29 -2.21 -0.56
C PHE A 50 6.94 -2.20 0.11
N ARG A 51 6.93 -2.26 1.41
CA ARG A 51 5.72 -2.12 2.13
C ARG A 51 5.56 -0.67 2.52
N HIS A 52 4.39 -0.16 2.41
CA HIS A 52 4.15 1.22 2.74
C HIS A 52 2.78 1.30 3.36
N LYS A 53 2.63 2.19 4.32
CA LYS A 53 1.37 2.41 4.94
C LYS A 53 0.36 2.92 3.91
N LEU A 54 -0.84 2.49 4.05
CA LEU A 54 -1.91 2.89 3.19
C LEU A 54 -2.73 3.92 3.95
N PRO A 55 -3.69 4.57 3.30
CA PRO A 55 -4.61 5.45 3.96
C PRO A 55 -5.48 4.60 4.90
N ASP A 56 -5.77 5.09 6.07
CA ASP A 56 -6.52 4.30 7.04
C ASP A 56 -7.98 4.26 6.64
N ASP A 57 -8.32 5.10 5.69
CA ASP A 57 -9.66 5.18 5.11
C ASP A 57 -9.75 4.34 3.82
N TYR A 58 -8.65 3.70 3.48
CA TYR A 58 -8.59 2.87 2.30
C TYR A 58 -9.22 1.50 2.59
N PRO A 59 -10.27 1.14 1.87
CA PRO A 59 -10.99 -0.08 2.12
C PRO A 59 -10.26 -1.31 1.59
N ILE A 60 -9.69 -2.05 2.49
CA ILE A 60 -8.95 -3.22 2.16
C ILE A 60 -9.85 -4.45 2.25
N MET A 1 -12.96 -11.21 -6.97
CA MET A 1 -11.92 -11.22 -5.94
C MET A 1 -10.52 -11.16 -6.56
N SER A 2 -10.19 -12.12 -7.43
CA SER A 2 -8.87 -12.20 -8.03
C SER A 2 -8.51 -10.90 -8.78
N SER A 3 -7.50 -10.22 -8.24
CA SER A 3 -6.98 -8.97 -8.78
C SER A 3 -8.03 -7.85 -8.76
N GLY A 4 -8.72 -7.72 -7.64
CA GLY A 4 -9.62 -6.62 -7.45
C GLY A 4 -8.81 -5.41 -7.10
N LYS A 5 -8.45 -4.63 -8.09
CA LYS A 5 -7.50 -3.60 -7.86
C LYS A 5 -8.14 -2.27 -7.51
N LYS A 6 -7.42 -1.56 -6.71
CA LYS A 6 -7.67 -0.21 -6.40
C LYS A 6 -6.28 0.32 -6.11
N PRO A 7 -5.70 1.07 -7.03
CA PRO A 7 -4.37 1.60 -6.85
C PRO A 7 -4.36 2.89 -6.04
N VAL A 8 -3.28 3.09 -5.32
CA VAL A 8 -3.12 4.26 -4.51
C VAL A 8 -1.86 4.99 -4.97
N LYS A 9 -1.88 6.31 -4.92
CA LYS A 9 -0.71 7.08 -5.22
C LYS A 9 0.23 6.93 -4.06
N VAL A 10 1.27 6.21 -4.26
CA VAL A 10 2.18 5.92 -3.20
C VAL A 10 3.58 6.41 -3.53
N LYS A 11 4.25 6.92 -2.51
CA LYS A 11 5.60 7.38 -2.63
C LYS A 11 6.51 6.16 -2.60
N THR A 12 7.20 5.95 -3.66
CA THR A 12 8.05 4.79 -3.81
C THR A 12 9.44 5.03 -3.20
N PRO A 13 10.28 3.97 -3.05
CA PRO A 13 11.67 4.10 -2.60
C PRO A 13 12.50 4.93 -3.60
N ALA A 14 12.02 4.98 -4.84
CA ALA A 14 12.63 5.80 -5.86
C ALA A 14 12.37 7.28 -5.60
N GLY A 15 11.41 7.56 -4.72
CA GLY A 15 11.13 8.92 -4.31
C GLY A 15 10.03 9.57 -5.10
N LYS A 16 9.41 8.81 -5.96
CA LYS A 16 8.37 9.34 -6.80
C LYS A 16 7.05 8.69 -6.47
N GLU A 17 5.98 9.31 -6.86
CA GLU A 17 4.69 8.75 -6.61
C GLU A 17 4.13 8.11 -7.84
N ALA A 18 3.58 6.96 -7.65
CA ALA A 18 2.96 6.24 -8.71
C ALA A 18 1.74 5.57 -8.13
N GLU A 19 0.78 5.28 -8.95
CA GLU A 19 -0.39 4.60 -8.48
C GLU A 19 -0.17 3.12 -8.59
N LEU A 20 0.06 2.53 -7.49
CA LEU A 20 0.36 1.13 -7.43
C LEU A 20 -0.72 0.43 -6.66
N VAL A 21 -1.13 -0.70 -7.14
CA VAL A 21 -2.03 -1.51 -6.40
C VAL A 21 -1.22 -2.53 -5.60
N PRO A 22 -1.37 -2.53 -4.28
CA PRO A 22 -0.60 -3.40 -3.41
C PRO A 22 -0.83 -4.89 -3.69
N GLU A 23 0.25 -5.64 -3.62
CA GLU A 23 0.25 -7.08 -3.85
C GLU A 23 -0.51 -7.77 -2.72
N LYS A 24 -0.23 -7.31 -1.54
CA LYS A 24 -0.81 -7.82 -0.34
C LYS A 24 -1.14 -6.65 0.57
N VAL A 25 -2.29 -6.69 1.20
CA VAL A 25 -2.71 -5.67 2.15
C VAL A 25 -3.00 -6.30 3.49
N TRP A 26 -2.68 -5.59 4.56
CA TRP A 26 -2.96 -6.04 5.89
C TRP A 26 -3.14 -4.85 6.81
N ALA A 27 -3.76 -5.06 7.94
CA ALA A 27 -4.01 -3.98 8.86
C ALA A 27 -3.66 -4.37 10.28
N LEU A 28 -2.88 -3.55 10.90
CA LEU A 28 -2.50 -3.73 12.27
C LEU A 28 -3.46 -2.97 13.15
N ALA A 29 -4.45 -3.65 13.62
CA ALA A 29 -5.39 -3.06 14.52
C ALA A 29 -5.13 -3.64 15.89
N PRO A 30 -4.62 -2.83 16.83
CA PRO A 30 -4.37 -3.28 18.20
C PRO A 30 -5.67 -3.67 18.90
N LYS A 31 -6.51 -2.69 19.20
CA LYS A 31 -7.79 -2.92 19.83
C LYS A 31 -8.67 -1.70 19.70
N GLY A 32 -9.77 -1.84 18.98
CA GLY A 32 -10.74 -0.76 18.80
C GLY A 32 -10.14 0.43 18.09
N ARG A 33 -9.42 0.17 17.02
CA ARG A 33 -8.77 1.23 16.28
C ARG A 33 -9.17 1.10 14.82
N LYS A 34 -8.86 2.13 14.03
CA LYS A 34 -9.19 2.13 12.60
C LYS A 34 -8.31 1.08 11.91
N GLY A 35 -7.10 0.95 12.37
CA GLY A 35 -6.21 -0.06 11.89
C GLY A 35 -5.15 0.50 11.00
N VAL A 36 -3.91 0.29 11.40
CA VAL A 36 -2.77 0.76 10.63
C VAL A 36 -2.60 -0.18 9.45
N LYS A 37 -2.99 0.29 8.31
CA LYS A 37 -2.99 -0.49 7.11
C LYS A 37 -1.67 -0.38 6.43
N ILE A 38 -1.16 -1.48 5.95
CA ILE A 38 0.11 -1.53 5.26
C ILE A 38 -0.06 -2.40 4.04
N GLY A 39 0.56 -2.02 2.97
CA GLY A 39 0.49 -2.78 1.78
C GLY A 39 1.85 -2.99 1.21
N LEU A 40 2.05 -4.11 0.59
CA LEU A 40 3.30 -4.42 -0.05
C LEU A 40 3.19 -4.05 -1.51
N PHE A 41 4.06 -3.23 -1.95
CA PHE A 41 4.06 -2.73 -3.29
C PHE A 41 5.33 -3.14 -3.98
N LYS A 42 5.37 -2.93 -5.26
CA LYS A 42 6.56 -3.12 -6.02
C LYS A 42 6.96 -1.79 -6.60
N ASP A 43 8.18 -1.38 -6.36
CA ASP A 43 8.71 -0.14 -6.91
C ASP A 43 8.88 -0.31 -8.42
N PRO A 44 8.42 0.65 -9.21
CA PRO A 44 8.48 0.54 -10.66
C PRO A 44 9.84 0.93 -11.26
N GLU A 45 10.71 1.54 -10.48
CA GLU A 45 11.97 2.01 -11.00
C GLU A 45 13.07 1.00 -10.71
N THR A 46 13.16 0.60 -9.47
CA THR A 46 14.19 -0.33 -9.02
C THR A 46 13.70 -1.76 -9.19
N GLY A 47 12.42 -1.98 -8.93
CA GLY A 47 11.82 -3.27 -9.08
C GLY A 47 11.64 -3.99 -7.76
N LYS A 48 12.13 -3.42 -6.69
CA LYS A 48 12.06 -4.08 -5.39
C LYS A 48 10.69 -3.92 -4.74
N TYR A 49 10.33 -4.87 -3.93
CA TYR A 49 9.06 -4.85 -3.23
C TYR A 49 9.23 -4.15 -1.89
N PHE A 50 8.41 -3.14 -1.66
CA PHE A 50 8.49 -2.35 -0.46
C PHE A 50 7.12 -2.29 0.19
N ARG A 51 7.08 -2.36 1.49
CA ARG A 51 5.85 -2.24 2.17
C ARG A 51 5.72 -0.85 2.75
N HIS A 52 4.58 -0.26 2.61
CA HIS A 52 4.34 1.09 3.02
C HIS A 52 2.98 1.15 3.67
N LYS A 53 2.83 1.97 4.70
CA LYS A 53 1.54 2.09 5.33
C LYS A 53 0.58 2.82 4.40
N LEU A 54 -0.63 2.37 4.36
CA LEU A 54 -1.65 2.90 3.50
C LEU A 54 -2.42 3.95 4.30
N PRO A 55 -3.37 4.69 3.68
CA PRO A 55 -4.20 5.61 4.43
C PRO A 55 -5.06 4.80 5.41
N ASP A 56 -5.26 5.31 6.60
CA ASP A 56 -5.96 4.58 7.64
C ASP A 56 -7.41 4.33 7.24
N ASP A 57 -7.92 5.18 6.38
CA ASP A 57 -9.30 5.08 5.91
C ASP A 57 -9.38 4.45 4.53
N TYR A 58 -8.28 3.87 4.06
CA TYR A 58 -8.25 3.22 2.75
C TYR A 58 -9.04 1.92 2.83
N PRO A 59 -9.99 1.70 1.92
CA PRO A 59 -10.83 0.52 1.97
C PRO A 59 -10.12 -0.75 1.47
N ILE A 60 -9.73 -1.57 2.40
CA ILE A 60 -9.14 -2.85 2.10
C ILE A 60 -10.02 -3.93 2.65
N MET A 1 -12.43 -2.77 -20.25
CA MET A 1 -11.74 -2.83 -18.96
C MET A 1 -12.77 -2.79 -17.87
N SER A 2 -12.59 -3.55 -16.83
CA SER A 2 -13.48 -3.54 -15.72
C SER A 2 -12.76 -2.93 -14.54
N SER A 3 -13.20 -1.75 -14.13
CA SER A 3 -12.59 -1.04 -13.03
C SER A 3 -12.82 -1.78 -11.70
N GLY A 4 -11.78 -2.42 -11.24
CA GLY A 4 -11.86 -3.15 -10.01
C GLY A 4 -10.69 -2.84 -9.12
N LYS A 5 -9.50 -2.82 -9.70
CA LYS A 5 -8.32 -2.50 -8.92
C LYS A 5 -8.25 -1.03 -8.56
N LYS A 6 -7.99 -0.78 -7.32
CA LYS A 6 -7.85 0.55 -6.81
C LYS A 6 -6.44 0.76 -6.29
N PRO A 7 -5.59 1.34 -7.13
CA PRO A 7 -4.22 1.59 -6.77
C PRO A 7 -4.09 2.85 -5.93
N VAL A 8 -3.21 2.84 -5.00
CA VAL A 8 -3.04 3.96 -4.15
C VAL A 8 -1.83 4.73 -4.60
N LYS A 9 -1.95 6.03 -4.66
CA LYS A 9 -0.86 6.87 -5.00
C LYS A 9 0.12 6.84 -3.85
N VAL A 10 1.22 6.22 -4.08
CA VAL A 10 2.18 5.99 -3.06
C VAL A 10 3.57 6.47 -3.51
N LYS A 11 4.33 6.96 -2.56
CA LYS A 11 5.69 7.38 -2.80
C LYS A 11 6.53 6.13 -2.85
N THR A 12 7.23 5.97 -3.91
CA THR A 12 8.06 4.82 -4.09
C THR A 12 9.39 5.06 -3.35
N PRO A 13 10.20 3.99 -3.09
CA PRO A 13 11.48 4.13 -2.38
C PRO A 13 12.52 4.83 -3.24
N ALA A 14 12.16 5.06 -4.47
CA ALA A 14 12.99 5.73 -5.41
C ALA A 14 12.78 7.25 -5.31
N GLY A 15 11.57 7.66 -4.98
CA GLY A 15 11.29 9.08 -4.82
C GLY A 15 10.00 9.52 -5.46
N LYS A 16 9.70 8.99 -6.63
CA LYS A 16 8.51 9.38 -7.39
C LYS A 16 7.26 8.85 -6.72
N GLU A 17 6.14 9.36 -7.11
CA GLU A 17 4.88 8.95 -6.56
C GLU A 17 4.08 8.31 -7.68
N ALA A 18 3.58 7.14 -7.44
CA ALA A 18 2.86 6.42 -8.45
C ALA A 18 1.68 5.72 -7.84
N GLU A 19 0.63 5.58 -8.61
CA GLU A 19 -0.52 4.83 -8.17
C GLU A 19 -0.23 3.36 -8.39
N LEU A 20 0.05 2.68 -7.32
CA LEU A 20 0.40 1.28 -7.38
C LEU A 20 -0.63 0.46 -6.66
N VAL A 21 -0.99 -0.66 -7.23
CA VAL A 21 -1.89 -1.57 -6.61
C VAL A 21 -1.08 -2.62 -5.83
N PRO A 22 -1.31 -2.72 -4.51
CA PRO A 22 -0.55 -3.60 -3.63
C PRO A 22 -0.76 -5.08 -3.92
N GLU A 23 0.30 -5.83 -3.72
CA GLU A 23 0.31 -7.28 -3.89
C GLU A 23 -0.58 -7.92 -2.85
N LYS A 24 -0.40 -7.46 -1.64
CA LYS A 24 -1.11 -7.94 -0.48
C LYS A 24 -1.23 -6.78 0.48
N VAL A 25 -2.26 -6.78 1.30
CA VAL A 25 -2.50 -5.73 2.28
C VAL A 25 -2.82 -6.33 3.64
N TRP A 26 -2.49 -5.60 4.68
CA TRP A 26 -2.79 -6.01 6.02
C TRP A 26 -3.03 -4.79 6.89
N ALA A 27 -3.66 -5.00 8.03
CA ALA A 27 -3.97 -3.91 8.92
C ALA A 27 -3.70 -4.29 10.35
N LEU A 28 -3.11 -3.38 11.07
CA LEU A 28 -2.83 -3.54 12.48
C LEU A 28 -3.74 -2.61 13.25
N ALA A 29 -4.56 -3.16 14.10
CA ALA A 29 -5.47 -2.36 14.89
C ALA A 29 -5.20 -2.58 16.37
N PRO A 30 -4.33 -1.77 16.98
CA PRO A 30 -3.98 -1.88 18.39
C PRO A 30 -5.07 -1.33 19.30
N LYS A 31 -5.80 -2.25 19.93
CA LYS A 31 -6.89 -1.97 20.91
C LYS A 31 -8.13 -1.36 20.24
N GLY A 32 -7.95 -0.20 19.69
CA GLY A 32 -9.00 0.51 19.02
C GLY A 32 -8.37 1.44 18.05
N ARG A 33 -8.55 1.16 16.78
CA ARG A 33 -7.93 1.93 15.73
C ARG A 33 -8.74 1.67 14.48
N LYS A 34 -8.57 2.50 13.45
CA LYS A 34 -9.26 2.29 12.17
C LYS A 34 -8.50 1.21 11.39
N GLY A 35 -7.35 0.87 11.90
CA GLY A 35 -6.53 -0.13 11.30
C GLY A 35 -5.45 0.48 10.50
N VAL A 36 -4.23 0.39 11.00
CA VAL A 36 -3.08 0.90 10.30
C VAL A 36 -2.77 -0.09 9.21
N LYS A 37 -2.95 0.34 8.02
CA LYS A 37 -2.88 -0.50 6.88
C LYS A 37 -1.56 -0.38 6.21
N ILE A 38 -1.01 -1.48 5.84
CA ILE A 38 0.25 -1.53 5.17
C ILE A 38 0.09 -2.44 3.98
N GLY A 39 0.62 -2.04 2.88
CA GLY A 39 0.54 -2.83 1.69
C GLY A 39 1.88 -3.08 1.13
N LEU A 40 2.08 -4.22 0.55
CA LEU A 40 3.33 -4.55 -0.07
C LEU A 40 3.23 -4.26 -1.54
N PHE A 41 4.11 -3.45 -2.01
CA PHE A 41 4.12 -3.01 -3.38
C PHE A 41 5.40 -3.42 -4.04
N LYS A 42 5.48 -3.18 -5.30
CA LYS A 42 6.68 -3.37 -6.05
C LYS A 42 6.89 -2.13 -6.88
N ASP A 43 8.06 -1.57 -6.78
CA ASP A 43 8.38 -0.42 -7.58
C ASP A 43 8.92 -0.91 -8.91
N PRO A 44 8.24 -0.63 -10.03
CA PRO A 44 8.63 -1.14 -11.36
C PRO A 44 9.88 -0.47 -11.92
N GLU A 45 10.32 0.55 -11.25
CA GLU A 45 11.47 1.31 -11.66
C GLU A 45 12.75 0.71 -11.07
N THR A 46 12.77 0.55 -9.76
CA THR A 46 13.92 -0.02 -9.09
C THR A 46 13.83 -1.56 -9.09
N GLY A 47 12.63 -2.08 -9.08
CA GLY A 47 12.41 -3.48 -9.12
C GLY A 47 12.49 -4.14 -7.77
N LYS A 48 12.14 -3.41 -6.74
CA LYS A 48 12.13 -3.97 -5.43
C LYS A 48 10.77 -3.82 -4.78
N TYR A 49 10.47 -4.73 -3.89
CA TYR A 49 9.21 -4.73 -3.19
C TYR A 49 9.33 -3.95 -1.93
N PHE A 50 8.37 -3.13 -1.64
CA PHE A 50 8.41 -2.34 -0.46
C PHE A 50 7.05 -2.34 0.18
N ARG A 51 7.02 -2.43 1.48
CA ARG A 51 5.79 -2.32 2.18
C ARG A 51 5.67 -0.92 2.71
N HIS A 52 4.56 -0.32 2.45
CA HIS A 52 4.34 1.06 2.79
C HIS A 52 2.99 1.19 3.44
N LYS A 53 2.86 2.11 4.36
CA LYS A 53 1.59 2.35 5.01
C LYS A 53 0.59 2.92 4.00
N LEU A 54 -0.62 2.48 4.10
CA LEU A 54 -1.69 2.96 3.26
C LEU A 54 -2.49 3.96 4.10
N PRO A 55 -3.45 4.66 3.52
CA PRO A 55 -4.31 5.54 4.28
C PRO A 55 -5.21 4.71 5.21
N ASP A 56 -5.41 5.18 6.42
CA ASP A 56 -6.27 4.48 7.40
C ASP A 56 -7.69 4.35 6.86
N ASP A 57 -8.08 5.32 6.05
CA ASP A 57 -9.42 5.36 5.45
C ASP A 57 -9.49 4.55 4.14
N TYR A 58 -8.39 3.96 3.73
CA TYR A 58 -8.36 3.19 2.51
C TYR A 58 -9.06 1.84 2.72
N PRO A 59 -10.03 1.51 1.87
CA PRO A 59 -10.80 0.28 1.98
C PRO A 59 -10.01 -0.94 1.50
N ILE A 60 -9.83 -1.89 2.40
CA ILE A 60 -9.15 -3.13 2.08
C ILE A 60 -10.08 -4.32 2.35
N MET A 1 -7.84 -5.61 -16.29
CA MET A 1 -7.83 -6.92 -15.63
C MET A 1 -8.71 -6.75 -14.39
N SER A 2 -8.81 -7.77 -13.54
CA SER A 2 -9.65 -7.74 -12.35
C SER A 2 -9.29 -6.53 -11.48
N SER A 3 -10.21 -5.58 -11.40
CA SER A 3 -9.97 -4.35 -10.70
C SER A 3 -10.79 -4.30 -9.41
N GLY A 4 -10.86 -5.41 -8.71
CA GLY A 4 -11.56 -5.47 -7.44
C GLY A 4 -10.64 -5.09 -6.30
N LYS A 5 -9.69 -4.26 -6.62
CA LYS A 5 -8.69 -3.77 -5.73
C LYS A 5 -8.52 -2.31 -6.05
N LYS A 6 -7.65 -1.64 -5.38
CA LYS A 6 -7.51 -0.23 -5.60
C LYS A 6 -6.04 0.19 -5.56
N PRO A 7 -5.52 0.72 -6.66
CA PRO A 7 -4.19 1.28 -6.67
C PRO A 7 -4.17 2.61 -5.91
N VAL A 8 -3.13 2.84 -5.19
CA VAL A 8 -3.02 4.04 -4.42
C VAL A 8 -1.79 4.80 -4.84
N LYS A 9 -1.89 6.11 -4.88
CA LYS A 9 -0.77 6.93 -5.20
C LYS A 9 0.16 6.88 -4.01
N VAL A 10 1.26 6.23 -4.17
CA VAL A 10 2.17 6.02 -3.10
C VAL A 10 3.56 6.53 -3.50
N LYS A 11 4.27 7.04 -2.51
CA LYS A 11 5.59 7.54 -2.72
C LYS A 11 6.55 6.37 -2.79
N THR A 12 7.23 6.26 -3.88
CA THR A 12 8.13 5.16 -4.12
C THR A 12 9.45 5.40 -3.37
N PRO A 13 10.27 4.34 -3.14
CA PRO A 13 11.57 4.49 -2.49
C PRO A 13 12.54 5.21 -3.41
N ALA A 14 12.17 5.27 -4.69
CA ALA A 14 12.91 5.99 -5.69
C ALA A 14 12.73 7.48 -5.44
N GLY A 15 11.49 7.91 -5.31
CA GLY A 15 11.23 9.31 -5.04
C GLY A 15 10.02 9.86 -5.74
N LYS A 16 9.56 9.18 -6.74
CA LYS A 16 8.40 9.63 -7.49
C LYS A 16 7.13 9.02 -6.90
N GLU A 17 5.99 9.50 -7.29
CA GLU A 17 4.75 8.93 -6.85
C GLU A 17 4.07 8.24 -7.98
N ALA A 18 3.67 7.04 -7.75
CA ALA A 18 3.01 6.25 -8.74
C ALA A 18 1.85 5.60 -8.10
N GLU A 19 0.85 5.31 -8.88
CA GLU A 19 -0.30 4.63 -8.37
C GLU A 19 -0.02 3.16 -8.45
N LEU A 20 0.27 2.58 -7.32
CA LEU A 20 0.61 1.20 -7.25
C LEU A 20 -0.48 0.47 -6.55
N VAL A 21 -0.77 -0.72 -6.99
CA VAL A 21 -1.75 -1.51 -6.35
C VAL A 21 -1.04 -2.40 -5.34
N PRO A 22 -1.48 -2.35 -4.08
CA PRO A 22 -0.90 -3.17 -3.05
C PRO A 22 -1.14 -4.64 -3.35
N GLU A 23 -0.08 -5.32 -3.56
CA GLU A 23 -0.05 -6.72 -3.94
C GLU A 23 -0.46 -7.63 -2.82
N LYS A 24 -0.42 -7.11 -1.66
CA LYS A 24 -0.91 -7.73 -0.46
C LYS A 24 -1.30 -6.61 0.48
N VAL A 25 -2.41 -6.77 1.21
CA VAL A 25 -2.87 -5.76 2.16
C VAL A 25 -3.16 -6.40 3.52
N TRP A 26 -2.78 -5.73 4.57
CA TRP A 26 -3.04 -6.20 5.91
C TRP A 26 -3.12 -5.00 6.85
N ALA A 27 -3.84 -5.16 7.93
CA ALA A 27 -4.01 -4.10 8.88
C ALA A 27 -3.48 -4.50 10.23
N LEU A 28 -2.80 -3.60 10.87
CA LEU A 28 -2.28 -3.80 12.18
C LEU A 28 -3.03 -2.90 13.13
N ALA A 29 -3.88 -3.47 13.92
CA ALA A 29 -4.67 -2.70 14.85
C ALA A 29 -4.03 -2.74 16.23
N PRO A 30 -3.34 -1.68 16.63
CA PRO A 30 -2.71 -1.61 17.94
C PRO A 30 -3.78 -1.42 19.01
N LYS A 31 -3.49 -1.85 20.21
CA LYS A 31 -4.47 -1.86 21.30
C LYS A 31 -4.99 -0.46 21.67
N GLY A 32 -4.10 0.50 21.76
CA GLY A 32 -4.50 1.84 22.12
C GLY A 32 -4.48 2.78 20.95
N ARG A 33 -4.66 2.25 19.75
CA ARG A 33 -4.63 3.05 18.53
C ARG A 33 -5.76 2.64 17.63
N LYS A 34 -5.83 3.23 16.45
CA LYS A 34 -6.94 2.96 15.54
C LYS A 34 -6.62 1.75 14.69
N GLY A 35 -5.52 1.84 13.99
CA GLY A 35 -5.12 0.78 13.13
C GLY A 35 -4.32 1.32 11.99
N VAL A 36 -3.26 0.65 11.65
CA VAL A 36 -2.42 1.04 10.55
C VAL A 36 -2.51 0.00 9.44
N LYS A 37 -2.86 0.45 8.29
CA LYS A 37 -3.01 -0.42 7.13
C LYS A 37 -1.76 -0.40 6.30
N ILE A 38 -1.24 -1.56 5.99
CA ILE A 38 -0.03 -1.65 5.24
C ILE A 38 -0.23 -2.52 4.02
N GLY A 39 0.36 -2.11 2.94
CA GLY A 39 0.29 -2.86 1.75
C GLY A 39 1.66 -3.09 1.21
N LEU A 40 1.82 -4.18 0.55
CA LEU A 40 3.06 -4.51 -0.07
C LEU A 40 3.03 -4.05 -1.50
N PHE A 41 3.99 -3.29 -1.87
CA PHE A 41 4.08 -2.73 -3.18
C PHE A 41 5.35 -3.14 -3.85
N LYS A 42 5.40 -2.91 -5.10
CA LYS A 42 6.58 -3.12 -5.87
C LYS A 42 6.86 -1.84 -6.62
N ASP A 43 8.03 -1.32 -6.40
CA ASP A 43 8.47 -0.07 -6.98
C ASP A 43 8.60 -0.22 -8.51
N PRO A 44 8.01 0.70 -9.28
CA PRO A 44 8.02 0.63 -10.75
C PRO A 44 9.31 1.14 -11.38
N GLU A 45 10.19 1.65 -10.54
CA GLU A 45 11.43 2.24 -10.99
C GLU A 45 12.53 1.18 -10.96
N THR A 46 12.66 0.53 -9.85
CA THR A 46 13.72 -0.43 -9.61
C THR A 46 13.21 -1.87 -9.57
N GLY A 47 11.94 -2.07 -9.29
CA GLY A 47 11.41 -3.41 -9.19
C GLY A 47 11.58 -3.99 -7.79
N LYS A 48 11.92 -3.14 -6.84
CA LYS A 48 12.09 -3.58 -5.48
C LYS A 48 10.74 -3.60 -4.76
N TYR A 49 10.59 -4.51 -3.85
CA TYR A 49 9.38 -4.59 -3.08
C TYR A 49 9.51 -3.76 -1.83
N PHE A 50 8.44 -3.13 -1.45
CA PHE A 50 8.42 -2.39 -0.22
C PHE A 50 7.03 -2.40 0.34
N ARG A 51 6.91 -2.56 1.61
CA ARG A 51 5.66 -2.40 2.22
C ARG A 51 5.56 -0.97 2.69
N HIS A 52 4.43 -0.39 2.54
CA HIS A 52 4.24 0.99 2.88
C HIS A 52 2.87 1.09 3.44
N LYS A 53 2.66 1.92 4.42
CA LYS A 53 1.36 2.04 4.97
C LYS A 53 0.45 2.82 4.03
N LEU A 54 -0.76 2.37 3.93
CA LEU A 54 -1.73 2.89 3.01
C LEU A 54 -2.41 4.08 3.68
N PRO A 55 -3.40 4.72 3.07
CA PRO A 55 -4.23 5.63 3.80
C PRO A 55 -5.01 4.77 4.78
N ASP A 56 -5.09 5.15 6.02
CA ASP A 56 -5.74 4.26 6.98
C ASP A 56 -7.24 4.28 6.81
N ASP A 57 -7.69 5.18 5.96
CA ASP A 57 -9.08 5.31 5.59
C ASP A 57 -9.41 4.39 4.40
N TYR A 58 -8.35 3.89 3.74
CA TYR A 58 -8.45 3.00 2.57
C TYR A 58 -9.21 1.71 2.94
N PRO A 59 -10.22 1.34 2.16
CA PRO A 59 -11.06 0.20 2.47
C PRO A 59 -10.45 -1.12 1.99
N ILE A 60 -10.19 -1.98 2.92
CA ILE A 60 -9.68 -3.29 2.62
C ILE A 60 -10.71 -4.35 2.95
N MET A 1 -3.83 -12.79 -9.29
CA MET A 1 -4.46 -13.12 -8.01
C MET A 1 -4.84 -11.86 -7.31
N SER A 2 -6.09 -11.79 -6.84
CA SER A 2 -6.64 -10.67 -6.10
C SER A 2 -6.60 -9.37 -6.92
N SER A 3 -7.41 -9.33 -7.95
CA SER A 3 -7.44 -8.20 -8.85
C SER A 3 -8.46 -7.13 -8.41
N GLY A 4 -9.25 -7.45 -7.39
CA GLY A 4 -10.21 -6.50 -6.85
C GLY A 4 -9.52 -5.52 -5.94
N LYS A 5 -8.84 -4.60 -6.54
CA LYS A 5 -8.01 -3.65 -5.85
C LYS A 5 -8.17 -2.33 -6.55
N LYS A 6 -7.39 -1.37 -6.14
CA LYS A 6 -7.24 -0.14 -6.86
C LYS A 6 -5.87 0.42 -6.55
N PRO A 7 -5.11 0.82 -7.57
CA PRO A 7 -3.80 1.40 -7.38
C PRO A 7 -3.90 2.76 -6.66
N VAL A 8 -3.03 2.95 -5.71
CA VAL A 8 -3.02 4.14 -4.90
C VAL A 8 -1.75 4.95 -5.18
N LYS A 9 -1.82 6.26 -5.04
CA LYS A 9 -0.65 7.09 -5.12
C LYS A 9 0.20 6.82 -3.93
N VAL A 10 1.27 6.20 -4.16
CA VAL A 10 2.16 5.87 -3.12
C VAL A 10 3.54 6.40 -3.42
N LYS A 11 4.14 6.98 -2.43
CA LYS A 11 5.49 7.46 -2.55
C LYS A 11 6.42 6.29 -2.41
N THR A 12 7.13 6.00 -3.47
CA THR A 12 8.02 4.89 -3.49
C THR A 12 9.36 5.32 -2.89
N PRO A 13 10.26 4.36 -2.55
CA PRO A 13 11.59 4.68 -2.02
C PRO A 13 12.44 5.48 -3.03
N ALA A 14 12.04 5.43 -4.31
CA ALA A 14 12.72 6.16 -5.38
C ALA A 14 12.45 7.66 -5.25
N GLY A 15 11.45 7.99 -4.45
CA GLY A 15 11.11 9.35 -4.21
C GLY A 15 10.22 9.91 -5.28
N LYS A 16 9.16 9.19 -5.57
CA LYS A 16 8.19 9.61 -6.56
C LYS A 16 6.85 9.09 -6.14
N GLU A 17 5.81 9.61 -6.72
CA GLU A 17 4.50 9.10 -6.47
C GLU A 17 4.05 8.32 -7.66
N ALA A 18 3.77 7.08 -7.44
CA ALA A 18 3.31 6.22 -8.49
C ALA A 18 2.06 5.56 -8.01
N GLU A 19 1.19 5.25 -8.93
CA GLU A 19 0.00 4.55 -8.57
C GLU A 19 0.26 3.10 -8.66
N LEU A 20 0.42 2.51 -7.53
CA LEU A 20 0.77 1.13 -7.44
C LEU A 20 -0.32 0.42 -6.73
N VAL A 21 -0.53 -0.80 -7.09
CA VAL A 21 -1.55 -1.58 -6.48
C VAL A 21 -0.89 -2.53 -5.48
N PRO A 22 -1.38 -2.57 -4.23
CA PRO A 22 -0.80 -3.46 -3.24
C PRO A 22 -1.07 -4.92 -3.57
N GLU A 23 -0.02 -5.69 -3.54
CA GLU A 23 -0.07 -7.10 -3.80
C GLU A 23 -0.86 -7.77 -2.70
N LYS A 24 -0.48 -7.47 -1.50
CA LYS A 24 -1.16 -7.95 -0.34
C LYS A 24 -1.38 -6.81 0.59
N VAL A 25 -2.40 -6.92 1.39
CA VAL A 25 -2.78 -5.88 2.32
C VAL A 25 -2.95 -6.50 3.69
N TRP A 26 -2.68 -5.72 4.70
CA TRP A 26 -2.87 -6.13 6.06
C TRP A 26 -3.00 -4.91 6.93
N ALA A 27 -3.49 -5.10 8.12
CA ALA A 27 -3.68 -4.01 9.03
C ALA A 27 -3.17 -4.37 10.40
N LEU A 28 -2.42 -3.49 10.98
CA LEU A 28 -1.91 -3.67 12.30
C LEU A 28 -2.79 -2.93 13.27
N ALA A 29 -3.76 -3.62 13.78
CA ALA A 29 -4.66 -3.06 14.73
C ALA A 29 -4.54 -3.81 16.04
N PRO A 30 -3.81 -3.24 17.01
CA PRO A 30 -3.64 -3.84 18.33
C PRO A 30 -4.96 -3.98 19.08
N LYS A 31 -5.55 -2.85 19.49
CA LYS A 31 -6.81 -2.84 20.24
C LYS A 31 -7.40 -1.43 20.34
N GLY A 32 -6.60 -0.47 20.77
CA GLY A 32 -7.06 0.89 20.90
C GLY A 32 -6.15 1.87 20.20
N ARG A 33 -5.68 1.48 19.04
CA ARG A 33 -4.75 2.30 18.26
C ARG A 33 -5.21 2.47 16.82
N LYS A 34 -6.52 2.37 16.62
CA LYS A 34 -7.19 2.60 15.33
C LYS A 34 -6.92 1.45 14.31
N GLY A 35 -5.69 1.32 13.91
CA GLY A 35 -5.33 0.30 12.96
C GLY A 35 -4.52 0.87 11.83
N VAL A 36 -3.31 0.40 11.67
CA VAL A 36 -2.44 0.87 10.62
C VAL A 36 -2.53 -0.07 9.42
N LYS A 37 -3.00 0.44 8.31
CA LYS A 37 -3.13 -0.36 7.10
C LYS A 37 -1.86 -0.30 6.31
N ILE A 38 -1.36 -1.44 5.90
CA ILE A 38 -0.12 -1.51 5.14
C ILE A 38 -0.30 -2.46 3.96
N GLY A 39 0.29 -2.10 2.85
CA GLY A 39 0.25 -2.91 1.69
C GLY A 39 1.61 -3.10 1.12
N LEU A 40 1.84 -4.20 0.48
CA LEU A 40 3.10 -4.49 -0.13
C LEU A 40 3.05 -4.08 -1.59
N PHE A 41 3.95 -3.25 -1.98
CA PHE A 41 4.00 -2.71 -3.31
C PHE A 41 5.29 -3.12 -3.97
N LYS A 42 5.38 -2.88 -5.24
CA LYS A 42 6.58 -3.09 -5.99
C LYS A 42 6.97 -1.78 -6.65
N ASP A 43 8.19 -1.36 -6.42
CA ASP A 43 8.71 -0.13 -6.99
C ASP A 43 9.01 -0.38 -8.45
N PRO A 44 8.37 0.36 -9.34
CA PRO A 44 8.46 0.12 -10.78
C PRO A 44 9.84 0.41 -11.37
N GLU A 45 10.60 1.26 -10.74
CA GLU A 45 11.86 1.69 -11.28
C GLU A 45 13.06 0.93 -10.75
N THR A 46 12.92 0.33 -9.60
CA THR A 46 14.01 -0.47 -9.06
C THR A 46 13.69 -1.96 -9.04
N GLY A 47 12.41 -2.30 -9.12
CA GLY A 47 11.99 -3.67 -9.19
C GLY A 47 11.95 -4.36 -7.83
N LYS A 48 12.08 -3.60 -6.78
CA LYS A 48 12.03 -4.16 -5.45
C LYS A 48 10.67 -3.95 -4.83
N TYR A 49 10.34 -4.77 -3.89
CA TYR A 49 9.09 -4.68 -3.20
C TYR A 49 9.26 -3.88 -1.94
N PHE A 50 8.25 -3.14 -1.56
CA PHE A 50 8.31 -2.39 -0.33
C PHE A 50 6.92 -2.32 0.27
N ARG A 51 6.84 -2.45 1.54
CA ARG A 51 5.60 -2.30 2.24
C ARG A 51 5.47 -0.87 2.73
N HIS A 52 4.32 -0.30 2.52
CA HIS A 52 4.06 1.08 2.87
C HIS A 52 2.65 1.16 3.39
N LYS A 53 2.38 2.08 4.30
CA LYS A 53 1.04 2.20 4.84
C LYS A 53 0.06 2.74 3.80
N LEU A 54 -1.16 2.34 3.94
CA LEU A 54 -2.22 2.69 3.04
C LEU A 54 -3.11 3.76 3.68
N PRO A 55 -4.05 4.35 2.91
CA PRO A 55 -5.01 5.31 3.43
C PRO A 55 -5.95 4.60 4.39
N ASP A 56 -6.43 5.31 5.39
CA ASP A 56 -7.28 4.69 6.41
C ASP A 56 -8.62 4.33 5.87
N ASP A 57 -9.01 4.99 4.81
CA ASP A 57 -10.31 4.77 4.18
C ASP A 57 -10.22 3.77 3.05
N TYR A 58 -9.06 3.19 2.88
CA TYR A 58 -8.88 2.20 1.84
C TYR A 58 -9.59 0.91 2.28
N PRO A 59 -10.53 0.41 1.47
CA PRO A 59 -11.34 -0.75 1.82
C PRO A 59 -10.57 -2.07 1.76
N ILE A 60 -10.18 -2.56 2.91
CA ILE A 60 -9.52 -3.84 3.02
C ILE A 60 -10.11 -4.62 4.18
#